data_7CR2
#
_entry.id   7CR2
#
_cell.length_a   1.00
_cell.length_b   1.00
_cell.length_c   1.00
_cell.angle_alpha   90.00
_cell.angle_beta   90.00
_cell.angle_gamma   90.00
#
_symmetry.space_group_name_H-M   'P 1'
#
loop_
_entity.id
_entity.type
_entity.pdbx_description
1 polymer 'Potassium voltage-gated channel subfamily KQT member 2'
2 non-polymer 'ethyl N-[2-azanyl-4-[(4-fluorophenyl)methylamino]phenyl]carbamate'
#
_entity_poly.entity_id   1
_entity_poly.type   'polypeptide(L)'
_entity_poly.pdbx_seq_one_letter_code
;MAGKPPKRNAFYRKLQNFLYNVLERPRGWAFIYHAYVFLLVFSCLVLSVFSTIKEYEKSSEGALYILEIVTIVVFGVEYF
VRIWAAGCCCRYRGWRGRLKFARKPFCVIDIMVLIASIAVLAAGSQGNVFATSALRSLRFLQILRMIRMDRRGGTWKLLG
SVVYAHSKELVTAWYIGFLCLILASFLVYLAEKGENDHFDTYADALWWGLITLTTIGYGDKYPQTWNGRLLAATFTLIGV
SFFALPAGILGSGFALKVQEQHRQKHFEKRRNPAAGLIQSAWRFYATNLSRTDLHSTWQYYERTVTVPMYSSQTQTYGAS
RLIPPLNQLELLRNLKSKSGLAFRKDPPPEPSPSKGSPCRGPLCGCCPGRSSQKVSLKDRVFSSPRGVAAKGKGSPQAQT
VRRSPSADQSLEDSPSKVPKSWSFGDRSRARQAFRIKGAASRQNSEEASLPGEDIVDDKSCPCEFVTEDLTPGLKVSIRA
VCVMRFLVSKRKFKESLRPYDVMDVIEQYSAGHLDMLSRIKSLQSRVDQIVGRGPAITDKDRTKGPAEAELPEDPSMMGR
LGKVEKQVLSMEKKLDFLVNIYMQRMGIPPTETEAYFGAKEPEPAPPYHSPEDSREHVDRHGCIVKIVRSSSSTGQKNFS
VEGGSSGGWSHPQFEK
;
_entity_poly.pdbx_strand_id   A,B,C,D
#
loop_
_chem_comp.id
_chem_comp.type
_chem_comp.name
_chem_comp.formula
FBX non-polymer 'ethyl N-[2-azanyl-4-[(4-fluorophenyl)methylamino]phenyl]carbamate' 'C16 H18 F N3 O2'
#
# COMPACT_ATOMS: atom_id res chain seq x y z
N ARG A 8 50.45 22.32 -23.62
CA ARG A 8 49.04 22.36 -23.99
C ARG A 8 48.55 21.00 -24.46
N ASN A 9 49.33 19.97 -24.18
CA ASN A 9 48.96 18.59 -24.47
C ASN A 9 48.39 17.88 -23.25
N ALA A 10 49.11 17.96 -22.12
CA ALA A 10 48.61 17.32 -20.89
C ALA A 10 47.34 17.99 -20.40
N PHE A 11 47.20 19.30 -20.65
CA PHE A 11 45.95 19.97 -20.32
C PHE A 11 44.86 19.57 -21.30
N TYR A 12 45.22 19.55 -22.59
CA TYR A 12 44.40 18.96 -23.65
C TYR A 12 43.90 17.60 -23.23
N ARG A 13 44.82 16.71 -22.83
CA ARG A 13 44.51 15.33 -22.55
C ARG A 13 43.87 15.13 -21.18
N LYS A 14 44.26 15.92 -20.19
CA LYS A 14 43.62 15.85 -18.89
C LYS A 14 42.15 16.20 -18.99
N LEU A 15 41.86 17.42 -19.46
CA LEU A 15 40.48 17.86 -19.53
C LEU A 15 39.65 16.97 -20.46
N GLN A 16 40.28 16.37 -21.45
CA GLN A 16 39.59 15.33 -22.20
C GLN A 16 39.15 14.20 -21.30
N ASN A 17 40.05 13.73 -20.44
CA ASN A 17 39.68 12.63 -19.56
C ASN A 17 38.53 13.00 -18.63
N PHE A 18 38.70 14.05 -17.83
CA PHE A 18 37.68 14.38 -16.84
C PHE A 18 36.37 14.84 -17.47
N LEU A 19 36.43 15.45 -18.65
CA LEU A 19 35.20 15.88 -19.29
C LEU A 19 34.39 14.71 -19.83
N TYR A 20 35.05 13.78 -20.51
CA TYR A 20 34.35 12.59 -20.98
C TYR A 20 34.12 11.60 -19.83
N ASN A 21 34.57 11.98 -18.64
CA ASN A 21 34.11 11.39 -17.38
C ASN A 21 32.78 11.98 -16.96
N VAL A 22 32.67 13.31 -17.00
CA VAL A 22 31.46 13.99 -16.54
C VAL A 22 30.36 13.84 -17.58
N LEU A 23 30.63 14.26 -18.81
CA LEU A 23 29.64 14.11 -19.87
C LEU A 23 29.26 12.65 -20.05
N GLU A 24 30.26 11.78 -20.23
CA GLU A 24 30.01 10.35 -20.30
C GLU A 24 29.82 9.77 -18.91
N ARG A 25 29.93 8.46 -18.79
CA ARG A 25 29.61 7.76 -17.55
C ARG A 25 30.17 8.50 -16.34
N PRO A 26 29.30 9.17 -15.59
CA PRO A 26 29.74 10.08 -14.53
C PRO A 26 29.83 9.39 -13.18
N ARG A 27 30.77 9.87 -12.37
CA ARG A 27 31.12 9.20 -11.12
C ARG A 27 30.77 10.02 -9.89
N GLY A 28 31.31 11.24 -9.79
CA GLY A 28 31.27 12.01 -8.57
C GLY A 28 30.38 13.22 -8.60
N TRP A 29 30.97 14.37 -8.94
CA TRP A 29 30.23 15.61 -9.04
C TRP A 29 29.60 15.81 -10.40
N ALA A 30 29.78 14.87 -11.33
CA ALA A 30 29.10 14.95 -12.61
C ALA A 30 27.61 14.71 -12.45
N PHE A 31 27.19 14.09 -11.35
CA PHE A 31 25.77 13.97 -11.09
C PHE A 31 25.14 15.32 -10.83
N ILE A 32 25.93 16.30 -10.39
CA ILE A 32 25.40 17.66 -10.29
C ILE A 32 24.96 18.14 -11.66
N TYR A 33 25.85 18.06 -12.65
CA TYR A 33 25.52 18.52 -13.99
C TYR A 33 24.37 17.73 -14.58
N HIS A 34 24.36 16.42 -14.37
CA HIS A 34 23.28 15.66 -14.97
C HIS A 34 21.94 15.95 -14.30
N ALA A 35 21.94 16.30 -13.00
CA ALA A 35 20.71 16.75 -12.37
C ALA A 35 20.26 18.11 -12.89
N TYR A 36 21.19 19.05 -13.08
CA TYR A 36 20.76 20.38 -13.51
C TYR A 36 20.31 20.38 -14.96
N VAL A 37 20.89 19.53 -15.81
CA VAL A 37 20.35 19.45 -17.16
C VAL A 37 18.98 18.82 -17.13
N PHE A 38 18.75 17.88 -16.21
CA PHE A 38 17.41 17.37 -16.02
C PHE A 38 16.45 18.46 -15.59
N LEU A 39 16.92 19.40 -14.77
CA LEU A 39 16.03 20.47 -14.34
C LEU A 39 15.62 21.36 -15.51
N LEU A 40 16.55 21.68 -16.40
CA LEU A 40 16.18 22.56 -17.50
C LEU A 40 15.17 21.90 -18.43
N VAL A 41 15.40 20.64 -18.80
CA VAL A 41 14.43 19.97 -19.66
C VAL A 41 13.10 19.82 -18.94
N PHE A 42 13.15 19.53 -17.64
CA PHE A 42 11.93 19.31 -16.89
C PHE A 42 11.10 20.59 -16.78
N SER A 43 11.71 21.68 -16.33
CA SER A 43 11.00 22.94 -16.22
C SER A 43 10.52 23.44 -17.57
N CYS A 44 11.24 23.13 -18.64
CA CYS A 44 10.72 23.48 -19.94
C CYS A 44 9.45 22.70 -20.26
N LEU A 45 9.35 21.46 -19.81
CA LEU A 45 8.10 20.73 -20.02
C LEU A 45 6.97 21.32 -19.20
N VAL A 46 7.26 21.73 -17.96
CA VAL A 46 6.22 22.29 -17.11
C VAL A 46 5.67 23.56 -17.72
N LEU A 47 6.52 24.49 -18.12
CA LEU A 47 5.99 25.69 -18.76
C LEU A 47 5.21 25.33 -20.02
N SER A 48 5.58 24.25 -20.70
CA SER A 48 4.75 23.81 -21.80
C SER A 48 3.35 23.45 -21.33
N VAL A 49 3.21 22.95 -20.11
CA VAL A 49 1.87 22.67 -19.58
C VAL A 49 1.13 23.95 -19.22
N PHE A 50 1.85 24.92 -18.64
CA PHE A 50 1.20 26.19 -18.34
C PHE A 50 0.65 26.86 -19.59
N SER A 51 1.23 26.56 -20.74
CA SER A 51 0.67 27.07 -21.99
C SER A 51 -0.78 26.65 -22.19
N THR A 52 -1.21 25.56 -21.56
CA THR A 52 -2.56 25.06 -21.81
C THR A 52 -3.63 25.96 -21.21
N ILE A 53 -3.36 26.54 -20.03
CA ILE A 53 -4.36 27.38 -19.39
C ILE A 53 -4.46 28.70 -20.15
N LYS A 54 -5.63 28.95 -20.76
CA LYS A 54 -5.79 30.16 -21.57
C LYS A 54 -5.81 31.41 -20.71
N GLU A 55 -6.02 31.28 -19.40
CA GLU A 55 -6.05 32.45 -18.52
C GLU A 55 -4.65 32.94 -18.22
N TYR A 56 -3.66 32.04 -18.24
CA TYR A 56 -2.25 32.39 -18.10
C TYR A 56 -1.43 31.91 -19.29
N GLU A 57 -2.11 31.58 -20.39
CA GLU A 57 -1.42 31.13 -21.59
C GLU A 57 -0.40 32.16 -22.07
N LYS A 58 -0.81 33.42 -22.16
CA LYS A 58 0.06 34.45 -22.71
C LYS A 58 1.28 34.72 -21.82
N SER A 59 1.09 34.78 -20.52
CA SER A 59 2.21 35.04 -19.62
C SER A 59 3.23 33.89 -19.70
N SER A 60 2.78 32.66 -19.53
CA SER A 60 3.69 31.54 -19.60
C SER A 60 4.35 31.46 -20.96
N GLU A 61 3.59 31.64 -22.03
CA GLU A 61 4.15 31.57 -23.38
C GLU A 61 5.26 32.60 -23.55
N GLY A 62 5.09 33.77 -22.96
CA GLY A 62 6.13 34.78 -22.94
C GLY A 62 7.41 34.20 -22.38
N ALA A 63 7.38 33.71 -21.14
CA ALA A 63 8.60 33.16 -20.56
C ALA A 63 9.06 31.89 -21.24
N LEU A 64 8.14 31.16 -21.89
CA LEU A 64 8.50 29.84 -22.40
C LEU A 64 9.32 29.91 -23.67
N TYR A 65 9.04 30.85 -24.58
CA TYR A 65 9.95 30.99 -25.71
C TYR A 65 11.36 31.34 -25.25
N ILE A 66 11.47 32.12 -24.18
CA ILE A 66 12.79 32.48 -23.66
C ILE A 66 13.52 31.26 -23.13
N LEU A 67 12.88 30.51 -22.23
CA LEU A 67 13.52 29.30 -21.73
C LEU A 67 13.74 28.30 -22.85
N GLU A 68 12.92 28.36 -23.90
CA GLU A 68 13.21 27.60 -25.11
C GLU A 68 14.52 28.07 -25.73
N ILE A 69 14.78 29.37 -25.68
CA ILE A 69 16.04 29.89 -26.19
C ILE A 69 17.19 29.20 -25.48
N VAL A 70 17.19 29.27 -24.15
CA VAL A 70 18.29 28.74 -23.38
C VAL A 70 18.42 27.24 -23.58
N THR A 71 17.29 26.53 -23.65
CA THR A 71 17.39 25.08 -23.77
C THR A 71 17.98 24.67 -25.10
N ILE A 72 17.62 25.36 -26.18
CA ILE A 72 18.23 25.02 -27.46
C ILE A 72 19.72 25.32 -27.44
N VAL A 73 20.11 26.44 -26.84
CA VAL A 73 21.54 26.76 -26.77
C VAL A 73 22.28 25.76 -25.91
N VAL A 74 21.70 25.36 -24.78
CA VAL A 74 22.35 24.42 -23.89
C VAL A 74 22.64 23.11 -24.61
N PHE A 75 21.63 22.55 -25.27
CA PHE A 75 21.86 21.23 -25.83
C PHE A 75 22.65 21.30 -27.12
N GLY A 76 22.59 22.42 -27.83
CA GLY A 76 23.52 22.61 -28.94
C GLY A 76 24.96 22.52 -28.48
N VAL A 77 25.29 23.25 -27.40
CA VAL A 77 26.66 23.23 -26.92
C VAL A 77 27.02 21.89 -26.31
N GLU A 78 26.05 21.23 -25.68
CA GLU A 78 26.32 19.91 -25.09
C GLU A 78 26.66 18.91 -26.20
N TYR A 79 25.91 18.96 -27.29
CA TYR A 79 26.20 18.12 -28.45
C TYR A 79 27.61 18.40 -28.94
N PHE A 80 27.96 19.68 -29.13
CA PHE A 80 29.31 20.04 -29.54
C PHE A 80 30.34 19.50 -28.55
N VAL A 81 30.16 19.81 -27.27
CA VAL A 81 31.20 19.53 -26.30
C VAL A 81 31.41 18.03 -26.14
N ARG A 82 30.33 17.25 -26.17
CA ARG A 82 30.52 15.81 -26.04
C ARG A 82 31.26 15.27 -27.24
N ILE A 83 30.93 15.76 -28.45
CA ILE A 83 31.63 15.23 -29.61
C ILE A 83 33.11 15.52 -29.52
N TRP A 84 33.49 16.67 -28.94
CA TRP A 84 34.91 16.96 -28.79
C TRP A 84 35.54 16.07 -27.74
N ALA A 85 34.98 16.08 -26.53
CA ALA A 85 35.61 15.35 -25.44
C ALA A 85 35.49 13.84 -25.62
N ALA A 86 34.83 13.39 -26.68
CA ALA A 86 34.78 11.97 -26.98
C ALA A 86 36.11 11.44 -27.51
N GLY A 87 37.15 12.28 -27.60
CA GLY A 87 38.47 11.78 -27.97
C GLY A 87 39.05 10.82 -26.95
N CYS A 88 38.53 10.82 -25.74
CA CYS A 88 39.05 9.94 -24.70
C CYS A 88 38.83 8.47 -25.01
N CYS A 89 37.95 8.14 -25.94
CA CYS A 89 37.72 6.73 -26.25
C CYS A 89 38.94 6.15 -26.93
N CYS A 90 39.50 5.10 -26.33
CA CYS A 90 40.68 4.46 -26.89
C CYS A 90 40.39 3.83 -28.25
N ARG A 91 39.12 3.53 -28.52
CA ARG A 91 38.71 3.03 -29.83
C ARG A 91 38.32 4.14 -30.80
N TYR A 92 37.86 5.27 -30.28
CA TYR A 92 37.42 6.39 -31.11
C TYR A 92 38.38 7.54 -30.85
N ARG A 93 39.31 7.75 -31.78
CA ARG A 93 40.45 8.63 -31.53
C ARG A 93 40.71 9.51 -32.76
N GLY A 94 40.70 10.83 -32.55
CA GLY A 94 40.99 11.77 -33.62
C GLY A 94 39.96 11.79 -34.74
N TRP A 95 40.46 11.68 -35.98
CA TRP A 95 39.64 11.68 -37.18
C TRP A 95 38.51 10.65 -37.15
N ARG A 96 38.86 9.37 -37.21
CA ARG A 96 37.84 8.38 -37.50
C ARG A 96 36.89 8.21 -36.32
N GLY A 97 37.43 8.22 -35.11
CA GLY A 97 36.56 8.17 -33.95
C GLY A 97 35.57 9.31 -33.91
N ARG A 98 36.06 10.53 -33.73
CA ARG A 98 35.13 11.64 -33.57
C ARG A 98 34.30 11.86 -34.83
N LEU A 99 34.75 11.37 -35.98
CA LEU A 99 33.96 11.38 -37.19
C LEU A 99 32.97 10.23 -37.28
N LYS A 100 33.09 9.23 -36.40
CA LYS A 100 32.14 8.12 -36.33
C LYS A 100 31.37 8.04 -35.03
N PHE A 101 31.82 8.73 -33.99
CA PHE A 101 31.18 8.62 -32.69
C PHE A 101 29.77 9.17 -32.72
N ALA A 102 29.54 10.22 -33.50
CA ALA A 102 28.21 10.78 -33.67
C ALA A 102 27.31 9.84 -34.48
N ARG A 103 27.82 8.67 -34.85
CA ARG A 103 27.07 7.66 -35.58
C ARG A 103 26.45 6.61 -34.66
N LYS A 104 26.58 6.79 -33.35
CA LYS A 104 25.93 5.91 -32.40
C LYS A 104 24.41 6.03 -32.54
N PRO A 105 23.67 4.99 -32.14
CA PRO A 105 22.21 5.05 -32.32
C PRO A 105 21.59 6.18 -31.51
N PHE A 106 21.87 6.19 -30.21
CA PHE A 106 21.30 7.22 -29.34
C PHE A 106 21.75 8.61 -29.77
N CYS A 107 22.99 8.73 -30.25
CA CYS A 107 23.52 10.05 -30.59
C CYS A 107 22.80 10.63 -31.78
N VAL A 108 22.50 9.80 -32.79
CA VAL A 108 21.87 10.31 -34.00
C VAL A 108 20.41 10.65 -33.77
N ILE A 109 19.69 9.83 -33.00
CA ILE A 109 18.33 10.20 -32.61
C ILE A 109 18.38 11.45 -31.76
N ASP A 110 19.44 11.61 -30.96
CA ASP A 110 19.56 12.79 -30.11
C ASP A 110 19.79 14.05 -30.94
N ILE A 111 20.59 13.94 -32.00
CA ILE A 111 20.82 15.09 -32.85
C ILE A 111 19.57 15.39 -33.66
N MET A 112 18.80 14.37 -34.02
CA MET A 112 17.53 14.58 -34.71
C MET A 112 16.55 15.33 -33.82
N VAL A 113 16.43 14.89 -32.58
CA VAL A 113 15.57 15.60 -31.63
C VAL A 113 16.09 17.01 -31.42
N LEU A 114 17.41 17.18 -31.38
CA LEU A 114 17.96 18.51 -31.19
C LEU A 114 17.69 19.40 -32.39
N ILE A 115 17.82 18.86 -33.60
CA ILE A 115 17.60 19.68 -34.78
C ILE A 115 16.13 20.05 -34.89
N ALA A 116 15.23 19.14 -34.51
CA ALA A 116 13.83 19.54 -34.44
C ALA A 116 13.65 20.69 -33.47
N SER A 117 14.37 20.64 -32.35
CA SER A 117 14.38 21.77 -31.43
C SER A 117 14.90 23.04 -32.12
N ILE A 118 15.86 22.87 -33.03
CA ILE A 118 16.47 24.03 -33.67
C ILE A 118 15.47 24.69 -34.63
N ALA A 119 14.82 23.88 -35.46
CA ALA A 119 13.94 24.42 -36.48
C ALA A 119 12.69 25.02 -35.86
N VAL A 120 12.18 24.41 -34.79
CA VAL A 120 10.93 24.87 -34.19
C VAL A 120 11.05 26.30 -33.71
N LEU A 121 12.25 26.74 -33.37
CA LEU A 121 12.44 28.15 -33.04
C LEU A 121 12.86 28.95 -34.25
N ALA A 122 13.02 28.31 -35.41
CA ALA A 122 13.43 28.99 -36.63
C ALA A 122 12.27 29.05 -37.62
N SER A 133 0.14 24.62 -34.65
CA SER A 133 0.34 23.17 -34.57
C SER A 133 1.74 22.83 -34.10
N ALA A 134 2.57 23.87 -33.90
CA ALA A 134 4.00 23.65 -33.61
C ALA A 134 4.20 23.12 -32.20
N LEU A 135 3.32 23.48 -31.27
CA LEU A 135 3.56 23.17 -29.87
C LEU A 135 3.45 21.67 -29.59
N ARG A 136 2.67 20.95 -30.41
CA ARG A 136 2.67 19.50 -30.31
C ARG A 136 4.08 18.97 -30.51
N SER A 137 4.78 19.50 -31.51
CA SER A 137 6.15 19.08 -31.77
C SER A 137 7.06 19.38 -30.57
N LEU A 138 6.89 20.54 -29.94
CA LEU A 138 7.83 20.87 -28.86
C LEU A 138 7.53 20.10 -27.59
N ARG A 139 6.26 19.77 -27.34
CA ARG A 139 5.95 18.95 -26.18
C ARG A 139 6.55 17.56 -26.37
N PHE A 140 6.46 17.02 -27.57
CA PHE A 140 7.01 15.68 -27.80
C PHE A 140 8.53 15.68 -27.72
N LEU A 141 9.19 16.68 -28.32
CA LEU A 141 10.64 16.63 -28.28
C LEU A 141 11.15 16.77 -26.86
N GLN A 142 10.42 17.51 -26.03
CA GLN A 142 10.79 17.67 -24.62
C GLN A 142 10.71 16.31 -23.93
N ILE A 143 9.65 15.55 -24.23
CA ILE A 143 9.49 14.21 -23.70
C ILE A 143 10.68 13.34 -24.10
N LEU A 144 11.11 13.46 -25.35
CA LEU A 144 12.26 12.68 -25.76
C LEU A 144 13.54 13.16 -25.10
N ARG A 145 13.59 14.38 -24.60
CA ARG A 145 14.71 14.76 -23.74
C ARG A 145 14.69 13.97 -22.45
N MET A 146 13.50 13.84 -21.84
CA MET A 146 13.38 13.04 -20.63
C MET A 146 13.78 11.59 -20.88
N ILE A 147 13.16 10.96 -21.88
CA ILE A 147 13.53 9.59 -22.24
C ILE A 147 14.95 9.53 -22.75
N ARG A 148 15.50 10.66 -23.21
CA ARG A 148 16.90 10.72 -23.56
C ARG A 148 17.79 10.59 -22.34
N MET A 149 17.22 10.76 -21.15
CA MET A 149 18.00 10.60 -19.93
C MET A 149 18.72 9.26 -19.89
N ASP A 150 18.16 8.23 -20.51
CA ASP A 150 18.70 6.88 -20.30
C ASP A 150 19.96 6.66 -21.10
N ARG A 151 19.84 6.60 -22.43
CA ARG A 151 20.97 6.34 -23.31
C ARG A 151 21.43 4.90 -23.20
N ARG A 152 20.87 4.15 -22.24
CA ARG A 152 21.27 2.76 -22.06
C ARG A 152 20.14 1.82 -21.75
N GLY A 153 18.97 2.30 -21.36
CA GLY A 153 17.94 1.41 -20.89
C GLY A 153 18.29 0.72 -19.59
N GLY A 154 19.09 1.37 -18.76
CA GLY A 154 19.46 0.75 -17.50
C GLY A 154 18.26 0.52 -16.61
N THR A 155 17.37 1.51 -16.52
CA THR A 155 16.16 1.36 -15.72
C THR A 155 15.31 0.21 -16.23
N TRP A 156 15.16 0.11 -17.54
CA TRP A 156 14.39 -0.99 -18.09
C TRP A 156 15.06 -2.32 -17.80
N LYS A 157 16.39 -2.35 -17.82
CA LYS A 157 17.08 -3.59 -17.51
C LYS A 157 16.84 -4.00 -16.07
N LEU A 158 16.95 -3.05 -15.16
CA LEU A 158 16.78 -3.39 -13.76
C LEU A 158 15.38 -3.87 -13.48
N LEU A 159 14.38 -3.19 -14.03
CA LEU A 159 13.01 -3.62 -13.78
C LEU A 159 12.76 -5.00 -14.38
N GLY A 160 13.27 -5.23 -15.58
CA GLY A 160 13.04 -6.52 -16.20
C GLY A 160 13.69 -7.65 -15.43
N SER A 161 14.86 -7.40 -14.85
CA SER A 161 15.51 -8.44 -14.07
C SER A 161 14.67 -8.82 -12.87
N VAL A 162 14.20 -7.84 -12.11
CA VAL A 162 13.46 -8.18 -10.90
C VAL A 162 12.07 -8.71 -11.23
N VAL A 163 11.46 -8.25 -12.31
CA VAL A 163 10.21 -8.85 -12.71
C VAL A 163 10.42 -10.30 -13.13
N TYR A 164 11.57 -10.58 -13.75
CA TYR A 164 11.83 -11.94 -14.19
C TYR A 164 12.06 -12.86 -13.02
N ALA A 165 12.79 -12.39 -12.02
CA ALA A 165 13.18 -13.28 -10.93
C ALA A 165 11.97 -13.77 -10.16
N HIS A 166 10.90 -12.98 -10.09
CA HIS A 166 9.74 -13.30 -9.27
C HIS A 166 8.53 -13.71 -10.10
N SER A 167 8.75 -14.36 -11.24
CA SER A 167 7.65 -14.57 -12.16
C SER A 167 6.60 -15.49 -11.58
N LYS A 168 6.99 -16.45 -10.75
CA LYS A 168 6.01 -17.39 -10.23
C LYS A 168 5.16 -16.74 -9.15
N GLU A 169 5.76 -15.99 -8.25
CA GLU A 169 4.97 -15.34 -7.22
C GLU A 169 4.05 -14.30 -7.83
N LEU A 170 4.54 -13.51 -8.76
CA LEU A 170 3.73 -12.49 -9.39
C LEU A 170 2.54 -13.13 -10.11
N VAL A 171 2.82 -14.05 -11.02
CA VAL A 171 1.75 -14.64 -11.80
C VAL A 171 0.74 -15.32 -10.90
N THR A 172 1.16 -15.80 -9.74
CA THR A 172 0.19 -16.20 -8.74
C THR A 172 -0.73 -15.05 -8.36
N ALA A 173 -0.16 -13.87 -8.13
CA ALA A 173 -0.97 -12.74 -7.73
C ALA A 173 -1.85 -12.26 -8.87
N TRP A 174 -1.33 -12.22 -10.09
CA TRP A 174 -2.11 -11.73 -11.21
C TRP A 174 -3.26 -12.67 -11.52
N TYR A 175 -3.02 -13.97 -11.43
CA TYR A 175 -4.11 -14.91 -11.69
C TYR A 175 -5.17 -14.81 -10.61
N ILE A 176 -4.78 -14.85 -9.35
CA ILE A 176 -5.79 -14.91 -8.31
C ILE A 176 -6.51 -13.58 -8.16
N GLY A 177 -5.81 -12.47 -8.36
CA GLY A 177 -6.49 -11.19 -8.34
C GLY A 177 -7.45 -11.04 -9.49
N PHE A 178 -7.04 -11.46 -10.68
CA PHE A 178 -7.93 -11.36 -11.83
C PHE A 178 -9.19 -12.16 -11.62
N LEU A 179 -9.07 -13.36 -11.06
CA LEU A 179 -10.27 -14.13 -10.79
C LEU A 179 -11.17 -13.40 -9.81
N CYS A 180 -10.60 -12.85 -8.75
CA CYS A 180 -11.44 -12.18 -7.76
C CYS A 180 -12.16 -11.00 -8.39
N LEU A 181 -11.51 -10.28 -9.28
CA LEU A 181 -12.18 -9.21 -10.00
C LEU A 181 -13.39 -9.73 -10.75
N ILE A 182 -13.18 -10.69 -11.63
CA ILE A 182 -14.29 -11.14 -12.46
C ILE A 182 -15.40 -11.70 -11.59
N LEU A 183 -15.05 -12.41 -10.54
CA LEU A 183 -16.08 -13.00 -9.71
C LEU A 183 -16.89 -11.94 -8.98
N ALA A 184 -16.21 -11.03 -8.29
CA ALA A 184 -16.94 -10.06 -7.49
C ALA A 184 -17.76 -9.15 -8.37
N SER A 185 -17.22 -8.75 -9.52
CA SER A 185 -17.98 -7.92 -10.42
C SER A 185 -19.23 -8.63 -10.89
N PHE A 186 -19.13 -9.92 -11.18
CA PHE A 186 -20.32 -10.61 -11.65
C PHE A 186 -21.37 -10.75 -10.56
N LEU A 187 -20.96 -11.11 -9.34
CA LEU A 187 -21.94 -11.26 -8.27
C LEU A 187 -22.66 -9.95 -8.00
N VAL A 188 -21.91 -8.87 -7.85
CA VAL A 188 -22.53 -7.57 -7.60
C VAL A 188 -23.45 -7.19 -8.74
N TYR A 189 -23.06 -7.53 -9.97
CA TYR A 189 -23.93 -7.23 -11.10
C TYR A 189 -25.26 -7.96 -10.96
N LEU A 190 -25.23 -9.20 -10.51
CA LEU A 190 -26.48 -9.93 -10.37
C LEU A 190 -27.35 -9.34 -9.27
N ALA A 191 -26.74 -9.01 -8.14
CA ALA A 191 -27.52 -8.54 -7.00
C ALA A 191 -28.05 -7.13 -7.20
N GLU A 192 -27.43 -6.34 -8.06
CA GLU A 192 -27.80 -4.93 -8.19
C GLU A 192 -27.97 -4.56 -9.65
N LYS A 193 -28.61 -5.41 -10.42
CA LYS A 193 -28.90 -5.07 -11.80
C LYS A 193 -30.27 -4.45 -11.96
N GLY A 194 -31.21 -4.78 -11.09
CA GLY A 194 -32.56 -4.28 -11.23
C GLY A 194 -32.83 -3.02 -10.46
N GLU A 195 -32.31 -2.93 -9.23
CA GLU A 195 -32.64 -1.83 -8.33
C GLU A 195 -31.61 -0.71 -8.37
N ASN A 196 -30.82 -0.60 -9.43
CA ASN A 196 -29.80 0.43 -9.47
C ASN A 196 -29.47 0.79 -10.90
N ASP A 197 -29.15 2.06 -11.11
CA ASP A 197 -28.80 2.56 -12.43
C ASP A 197 -27.31 2.61 -12.67
N HIS A 198 -26.50 2.51 -11.62
CA HIS A 198 -25.07 2.39 -11.83
C HIS A 198 -24.75 1.14 -12.63
N PHE A 199 -25.24 -0.01 -12.17
CA PHE A 199 -24.92 -1.30 -12.75
C PHE A 199 -25.99 -1.64 -13.77
N ASP A 200 -25.78 -1.20 -15.00
CA ASP A 200 -26.71 -1.44 -16.09
C ASP A 200 -26.30 -2.60 -16.95
N THR A 201 -25.02 -2.75 -17.21
CA THR A 201 -24.50 -3.82 -18.04
C THR A 201 -23.27 -4.38 -17.38
N TYR A 202 -22.79 -5.51 -17.89
CA TYR A 202 -21.63 -6.10 -17.24
C TYR A 202 -20.45 -5.15 -17.31
N ALA A 203 -20.31 -4.41 -18.40
CA ALA A 203 -19.16 -3.55 -18.53
C ALA A 203 -19.13 -2.50 -17.43
N ASP A 204 -20.29 -2.07 -16.95
CA ASP A 204 -20.29 -1.16 -15.82
C ASP A 204 -19.85 -1.88 -14.55
N ALA A 205 -20.31 -3.10 -14.35
CA ALA A 205 -19.90 -3.82 -13.16
C ALA A 205 -18.41 -4.06 -13.16
N LEU A 206 -17.81 -4.22 -14.33
CA LEU A 206 -16.35 -4.38 -14.38
C LEU A 206 -15.65 -3.07 -14.08
N TRP A 207 -16.16 -1.95 -14.58
CA TRP A 207 -15.53 -0.70 -14.22
C TRP A 207 -15.59 -0.50 -12.72
N TRP A 208 -16.72 -0.83 -12.11
CA TRP A 208 -16.83 -0.69 -10.66
C TRP A 208 -15.88 -1.62 -9.94
N GLY A 209 -15.79 -2.87 -10.37
CA GLY A 209 -14.88 -3.78 -9.71
C GLY A 209 -13.44 -3.35 -9.85
N LEU A 210 -13.06 -2.92 -11.04
CA LEU A 210 -11.67 -2.56 -11.24
C LEU A 210 -11.30 -1.32 -10.46
N ILE A 211 -12.27 -0.45 -10.19
CA ILE A 211 -11.98 0.80 -9.50
C ILE A 211 -12.12 0.70 -7.98
N THR A 212 -12.81 -0.32 -7.48
CA THR A 212 -12.73 -0.49 -6.03
C THR A 212 -11.53 -1.33 -5.65
N LEU A 213 -11.25 -2.38 -6.42
CA LEU A 213 -10.19 -3.30 -6.02
C LEU A 213 -8.83 -2.63 -6.02
N THR A 214 -8.63 -1.63 -6.84
CA THR A 214 -7.40 -0.87 -6.71
C THR A 214 -7.50 0.19 -5.64
N THR A 215 -8.60 0.22 -4.91
CA THR A 215 -8.82 1.21 -3.85
C THR A 215 -8.76 2.64 -4.36
N ILE A 216 -9.07 2.87 -5.63
CA ILE A 216 -9.25 4.24 -6.09
C ILE A 216 -10.57 4.77 -5.57
N GLY A 217 -11.66 4.12 -5.93
CA GLY A 217 -12.94 4.49 -5.39
C GLY A 217 -13.33 5.89 -5.75
N TYR A 218 -13.66 6.12 -7.01
CA TYR A 218 -14.05 7.45 -7.42
C TYR A 218 -15.31 7.88 -6.71
N GLY A 219 -16.25 6.97 -6.57
CA GLY A 219 -17.51 7.25 -5.94
C GLY A 219 -18.64 7.40 -6.92
N ASP A 220 -18.37 7.27 -8.21
CA ASP A 220 -19.41 7.40 -9.22
C ASP A 220 -20.28 6.16 -9.30
N LYS A 221 -19.76 4.99 -8.94
CA LYS A 221 -20.55 3.77 -8.90
C LYS A 221 -20.28 3.08 -7.59
N TYR A 222 -21.33 2.89 -6.80
CA TYR A 222 -21.23 2.16 -5.55
C TYR A 222 -22.51 1.37 -5.37
N PRO A 223 -22.44 0.21 -4.73
CA PRO A 223 -23.65 -0.58 -4.53
C PRO A 223 -24.50 -0.01 -3.43
N GLN A 224 -25.82 -0.14 -3.60
CA GLN A 224 -26.75 0.51 -2.70
C GLN A 224 -27.82 -0.40 -2.13
N THR A 225 -27.82 -1.68 -2.46
CA THR A 225 -28.71 -2.65 -1.85
C THR A 225 -27.89 -3.54 -0.95
N TRP A 226 -28.46 -3.96 0.17
CA TRP A 226 -27.65 -4.66 1.16
C TRP A 226 -27.09 -5.96 0.63
N ASN A 227 -27.64 -6.48 -0.46
CA ASN A 227 -27.01 -7.62 -1.11
C ASN A 227 -25.73 -7.22 -1.81
N GLY A 228 -25.75 -6.10 -2.53
CA GLY A 228 -24.53 -5.64 -3.16
C GLY A 228 -23.47 -5.27 -2.15
N ARG A 229 -23.88 -4.63 -1.05
CA ARG A 229 -22.92 -4.28 -0.01
C ARG A 229 -22.33 -5.51 0.62
N LEU A 230 -23.13 -6.56 0.76
CA LEU A 230 -22.69 -7.75 1.44
C LEU A 230 -21.72 -8.55 0.58
N LEU A 231 -21.97 -8.64 -0.73
CA LEU A 231 -21.07 -9.39 -1.58
C LEU A 231 -19.81 -8.61 -1.89
N ALA A 232 -19.94 -7.31 -2.13
CA ALA A 232 -18.73 -6.52 -2.28
C ALA A 232 -17.86 -6.61 -1.03
N ALA A 233 -18.47 -6.65 0.14
CA ALA A 233 -17.66 -6.57 1.35
C ALA A 233 -16.80 -7.81 1.55
N THR A 234 -17.11 -8.93 0.92
CA THR A 234 -16.20 -10.06 1.06
C THR A 234 -15.13 -10.04 -0.01
N PHE A 235 -15.53 -9.95 -1.27
CA PHE A 235 -14.51 -9.94 -2.29
C PHE A 235 -13.68 -8.68 -2.22
N THR A 236 -14.17 -7.63 -1.58
CA THR A 236 -13.35 -6.46 -1.35
C THR A 236 -12.22 -6.77 -0.40
N LEU A 237 -12.55 -7.33 0.77
CA LEU A 237 -11.51 -7.62 1.74
C LEU A 237 -10.43 -8.51 1.15
N ILE A 238 -10.81 -9.43 0.26
CA ILE A 238 -9.81 -10.25 -0.39
C ILE A 238 -9.13 -9.49 -1.51
N GLY A 239 -9.89 -8.96 -2.44
CA GLY A 239 -9.31 -8.51 -3.68
C GLY A 239 -8.39 -7.34 -3.49
N VAL A 240 -8.75 -6.41 -2.60
CA VAL A 240 -7.97 -5.19 -2.52
C VAL A 240 -6.57 -5.51 -2.06
N SER A 241 -6.40 -6.64 -1.35
CA SER A 241 -5.11 -7.10 -0.92
C SER A 241 -4.41 -7.96 -1.96
N PHE A 242 -5.12 -8.49 -2.94
CA PHE A 242 -4.42 -9.15 -4.01
C PHE A 242 -4.01 -8.20 -5.11
N PHE A 243 -4.67 -7.08 -5.26
CA PHE A 243 -4.22 -6.09 -6.21
C PHE A 243 -3.03 -5.31 -5.71
N ALA A 244 -2.77 -5.35 -4.41
CA ALA A 244 -1.67 -4.61 -3.81
C ALA A 244 -0.43 -5.47 -3.62
N LEU A 245 -0.48 -6.74 -3.98
CA LEU A 245 0.70 -7.59 -3.86
C LEU A 245 1.81 -7.11 -4.78
N PRO A 246 1.62 -7.09 -6.09
CA PRO A 246 2.76 -6.89 -6.98
C PRO A 246 3.59 -5.68 -6.64
N ALA A 247 2.99 -4.63 -6.10
CA ALA A 247 3.82 -3.56 -5.56
C ALA A 247 4.59 -4.03 -4.36
N GLY A 248 3.98 -4.86 -3.52
CA GLY A 248 4.68 -5.34 -2.33
C GLY A 248 5.79 -6.31 -2.68
N ILE A 249 5.53 -7.18 -3.65
CA ILE A 249 6.53 -8.17 -4.04
C ILE A 249 7.70 -7.49 -4.72
N LEU A 250 7.44 -6.62 -5.67
CA LEU A 250 8.55 -5.94 -6.33
C LEU A 250 9.30 -5.06 -5.34
N GLY A 251 8.60 -4.43 -4.41
CA GLY A 251 9.29 -3.59 -3.44
C GLY A 251 10.28 -4.38 -2.61
N SER A 252 9.85 -5.52 -2.07
CA SER A 252 10.79 -6.38 -1.37
C SER A 252 11.88 -6.90 -2.29
N GLY A 253 11.55 -7.15 -3.56
CA GLY A 253 12.55 -7.67 -4.46
C GLY A 253 13.69 -6.70 -4.69
N PHE A 254 13.34 -5.43 -4.91
CA PHE A 254 14.39 -4.43 -5.08
C PHE A 254 15.24 -4.31 -3.83
N ALA A 255 14.63 -4.28 -2.65
CA ALA A 255 15.42 -4.12 -1.45
C ALA A 255 16.34 -5.30 -1.23
N LEU A 256 15.81 -6.52 -1.34
CA LEU A 256 16.66 -7.69 -1.18
C LEU A 256 17.80 -7.69 -2.17
N LYS A 257 17.52 -7.35 -3.42
CA LYS A 257 18.57 -7.40 -4.41
C LYS A 257 19.64 -6.38 -4.12
N VAL A 258 19.29 -5.23 -3.53
CA VAL A 258 20.34 -4.26 -3.25
C VAL A 258 21.19 -4.72 -2.09
N GLN A 259 20.60 -5.45 -1.14
CA GLN A 259 21.41 -5.97 -0.05
C GLN A 259 22.43 -6.97 -0.56
N GLU A 260 22.02 -7.85 -1.48
CA GLU A 260 22.96 -8.82 -2.02
C GLU A 260 24.05 -8.14 -2.84
N GLN A 261 23.69 -7.17 -3.68
CA GLN A 261 24.75 -6.45 -4.39
C GLN A 261 25.61 -5.67 -3.42
N HIS A 262 25.05 -5.29 -2.27
CA HIS A 262 25.83 -4.59 -1.27
C HIS A 262 26.97 -5.45 -0.78
N ARG A 263 26.65 -6.62 -0.24
CA ARG A 263 27.69 -7.47 0.32
C ARG A 263 28.66 -7.93 -0.76
N GLN A 264 28.12 -8.41 -1.88
CA GLN A 264 28.98 -8.86 -2.96
C GLN A 264 29.99 -7.80 -3.35
N LYS A 265 29.59 -6.54 -3.37
CA LYS A 265 30.51 -5.48 -3.75
C LYS A 265 31.45 -5.13 -2.61
N HIS A 266 30.99 -5.24 -1.37
CA HIS A 266 31.88 -5.01 -0.24
C HIS A 266 33.08 -5.95 -0.29
N PHE A 267 32.91 -7.11 -0.92
CA PHE A 267 34.06 -7.96 -1.20
C PHE A 267 34.75 -7.53 -2.50
N GLU A 268 34.04 -7.65 -3.62
CA GLU A 268 34.64 -7.47 -4.94
C GLU A 268 34.03 -6.33 -5.74
N ARG B 8 27.67 16.98 50.49
CA ARG B 8 26.83 17.64 49.51
C ARG B 8 27.57 17.80 48.18
N ASN B 9 28.66 17.05 48.02
CA ASN B 9 29.41 17.01 46.78
C ASN B 9 29.06 15.79 45.93
N ALA B 10 29.07 14.60 46.54
CA ALA B 10 28.70 13.40 45.80
C ALA B 10 27.24 13.42 45.39
N PHE B 11 26.38 14.07 46.19
CA PHE B 11 24.99 14.24 45.79
C PHE B 11 24.90 15.29 44.69
N TYR B 12 25.62 16.39 44.87
CA TYR B 12 25.84 17.39 43.83
C TYR B 12 26.24 16.72 42.53
N ARG B 13 27.28 15.88 42.59
CA ARG B 13 27.87 15.29 41.41
C ARG B 13 27.09 14.10 40.88
N LYS B 14 26.45 13.33 41.76
CA LYS B 14 25.60 12.24 41.30
C LYS B 14 24.42 12.77 40.50
N LEU B 15 23.62 13.64 41.12
CA LEU B 15 22.44 14.14 40.44
C LEU B 15 22.81 14.92 39.20
N GLN B 16 23.99 15.53 39.18
CA GLN B 16 24.48 16.09 37.93
C GLN B 16 24.59 15.01 36.86
N ASN B 17 25.17 13.87 37.21
CA ASN B 17 25.32 12.82 36.21
C ASN B 17 23.98 12.32 35.69
N PHE B 18 23.12 11.85 36.60
CA PHE B 18 21.87 11.26 36.14
C PHE B 18 20.93 12.28 35.51
N LEU B 19 20.99 13.54 35.92
CA LEU B 19 20.13 14.54 35.33
C LEU B 19 20.56 14.88 33.90
N TYR B 20 21.85 15.10 33.68
CA TYR B 20 22.32 15.34 32.33
C TYR B 20 22.40 14.05 31.54
N ASN B 21 22.02 12.93 32.17
CA ASN B 21 21.63 11.69 31.48
C ASN B 21 20.20 11.79 30.97
N VAL B 22 19.28 12.24 31.82
CA VAL B 22 17.87 12.28 31.46
C VAL B 22 17.61 13.45 30.52
N LEU B 23 17.98 14.66 30.95
CA LEU B 23 17.80 15.82 30.09
C LEU B 23 18.57 15.65 28.79
N GLU B 24 19.85 15.34 28.88
CA GLU B 24 20.65 15.05 27.70
C GLU B 24 20.39 13.63 27.22
N ARG B 25 21.28 13.10 26.38
CA ARG B 25 21.07 11.81 25.73
C ARG B 25 20.52 10.78 26.71
N PRO B 26 19.23 10.48 26.59
CA PRO B 26 18.53 9.66 27.58
C PRO B 26 18.55 8.18 27.23
N ARG B 27 18.56 7.36 28.27
CA ARG B 27 18.77 5.93 28.10
C ARG B 27 17.56 5.10 28.50
N GLY B 28 17.09 5.24 29.72
CA GLY B 28 16.10 4.33 30.29
C GLY B 28 14.75 4.93 30.51
N TRP B 29 14.52 5.44 31.72
CA TRP B 29 13.25 6.06 32.07
C TRP B 29 13.19 7.53 31.68
N ALA B 30 14.27 8.07 31.12
CA ALA B 30 14.23 9.44 30.63
C ALA B 30 13.34 9.57 29.40
N PHE B 31 13.07 8.46 28.72
CA PHE B 31 12.11 8.50 27.63
C PHE B 31 10.70 8.79 28.15
N ILE B 32 10.42 8.50 29.42
CA ILE B 32 9.16 8.91 30.01
C ILE B 32 9.06 10.43 29.97
N TYR B 33 10.07 11.13 30.50
CA TYR B 33 10.03 12.58 30.52
C TYR B 33 10.01 13.16 29.13
N HIS B 34 10.77 12.59 28.21
CA HIS B 34 10.77 13.17 26.88
C HIS B 34 9.44 12.93 26.17
N ALA B 35 8.75 11.83 26.47
CA ALA B 35 7.40 11.64 25.93
C ALA B 35 6.41 12.64 26.54
N TYR B 36 6.48 12.87 27.86
CA TYR B 36 5.49 13.75 28.46
C TYR B 36 5.71 15.21 28.07
N VAL B 37 6.96 15.62 27.85
CA VAL B 37 7.15 16.97 27.36
C VAL B 37 6.64 17.07 25.93
N PHE B 38 6.77 16.00 25.16
CA PHE B 38 6.14 15.98 23.85
C PHE B 38 4.63 16.11 23.95
N LEU B 39 4.03 15.52 24.98
CA LEU B 39 2.60 15.63 25.13
C LEU B 39 2.17 17.06 25.40
N LEU B 40 2.91 17.78 26.24
CA LEU B 40 2.48 19.14 26.54
C LEU B 40 2.58 20.04 25.32
N VAL B 41 3.69 19.97 24.60
CA VAL B 41 3.80 20.78 23.39
C VAL B 41 2.75 20.38 22.36
N PHE B 42 2.49 19.09 22.26
CA PHE B 42 1.54 18.60 21.26
C PHE B 42 0.13 19.06 21.58
N SER B 43 -0.34 18.81 22.81
CA SER B 43 -1.68 19.24 23.18
C SER B 43 -1.83 20.75 23.14
N CYS B 44 -0.75 21.49 23.39
CA CYS B 44 -0.84 22.93 23.19
C CYS B 44 -1.07 23.28 21.73
N LEU B 45 -0.49 22.52 20.81
CA LEU B 45 -0.76 22.78 19.40
C LEU B 45 -2.21 22.45 19.05
N VAL B 46 -2.73 21.36 19.60
CA VAL B 46 -4.10 20.97 19.29
C VAL B 46 -5.08 22.04 19.76
N LEU B 47 -4.97 22.48 21.01
CA LEU B 47 -5.86 23.54 21.43
C LEU B 47 -5.68 24.78 20.57
N SER B 48 -4.50 25.02 20.05
CA SER B 48 -4.35 26.10 19.09
C SER B 48 -5.22 25.88 17.87
N VAL B 49 -5.44 24.63 17.47
CA VAL B 49 -6.33 24.36 16.35
C VAL B 49 -7.79 24.56 16.75
N PHE B 50 -8.17 24.15 17.95
CA PHE B 50 -9.53 24.38 18.40
C PHE B 50 -9.87 25.86 18.43
N SER B 51 -8.87 26.72 18.57
CA SER B 51 -9.12 28.15 18.47
C SER B 51 -9.73 28.55 17.14
N THR B 52 -9.54 27.75 16.09
CA THR B 52 -10.02 28.14 14.77
C THR B 52 -11.54 28.08 14.67
N ILE B 53 -12.17 27.10 15.31
CA ILE B 53 -13.62 26.97 15.23
C ILE B 53 -14.27 28.09 16.04
N LYS B 54 -14.97 28.99 15.36
CA LYS B 54 -15.57 30.13 16.05
C LYS B 54 -16.72 29.71 16.95
N GLU B 55 -17.25 28.49 16.77
CA GLU B 55 -18.35 28.02 17.61
C GLU B 55 -17.85 27.56 18.98
N TYR B 56 -16.60 27.10 19.05
CA TYR B 56 -15.95 26.75 20.31
C TYR B 56 -14.65 27.53 20.48
N GLU B 57 -14.49 28.61 19.73
CA GLU B 57 -13.29 29.45 19.85
C GLU B 57 -13.12 29.95 21.27
N LYS B 58 -14.18 30.49 21.86
CA LYS B 58 -14.05 31.11 23.18
C LYS B 58 -13.75 30.09 24.28
N SER B 59 -14.40 28.92 24.24
CA SER B 59 -14.14 27.92 25.26
C SER B 59 -12.69 27.43 25.19
N SER B 60 -12.26 27.02 23.99
CA SER B 60 -10.88 26.54 23.86
C SER B 60 -9.90 27.64 24.22
N GLU B 61 -10.14 28.86 23.74
CA GLU B 61 -9.23 29.96 24.04
C GLU B 61 -9.09 30.17 25.54
N GLY B 62 -10.19 30.00 26.26
CA GLY B 62 -10.15 30.03 27.71
C GLY B 62 -9.13 29.06 28.25
N ALA B 63 -9.29 27.77 27.94
CA ALA B 63 -8.34 26.79 28.45
C ALA B 63 -6.95 26.96 27.84
N LEU B 64 -6.84 27.55 26.65
CA LEU B 64 -5.56 27.56 25.96
C LEU B 64 -4.60 28.57 26.53
N TYR B 65 -5.06 29.76 26.95
CA TYR B 65 -4.13 30.65 27.65
C TYR B 65 -3.59 30.00 28.92
N ILE B 66 -4.42 29.21 29.60
CA ILE B 66 -3.97 28.53 30.82
C ILE B 66 -2.88 27.51 30.49
N LEU B 67 -3.16 26.60 29.56
CA LEU B 67 -2.12 25.64 29.19
C LEU B 67 -0.91 26.34 28.60
N GLU B 68 -1.12 27.52 28.01
CA GLU B 68 0.01 28.35 27.62
C GLU B 68 0.81 28.77 28.85
N ILE B 69 0.12 29.04 29.95
CA ILE B 69 0.81 29.38 31.19
C ILE B 69 1.76 28.26 31.57
N VAL B 70 1.22 27.05 31.67
CA VAL B 70 2.02 25.92 32.12
C VAL B 70 3.16 25.65 31.14
N THR B 71 2.90 25.76 29.84
CA THR B 71 3.95 25.42 28.89
C THR B 71 5.09 26.42 28.95
N ILE B 72 4.80 27.70 29.15
CA ILE B 72 5.89 28.66 29.28
C ILE B 72 6.69 28.37 30.54
N VAL B 73 6.00 28.06 31.64
CA VAL B 73 6.71 27.76 32.88
C VAL B 73 7.54 26.50 32.75
N VAL B 74 6.99 25.46 32.10
CA VAL B 74 7.72 24.21 31.94
C VAL B 74 9.02 24.44 31.20
N PHE B 75 8.96 25.11 30.06
CA PHE B 75 10.17 25.21 29.27
C PHE B 75 11.13 26.24 29.83
N GLY B 76 10.62 27.25 30.54
CA GLY B 76 11.52 28.12 31.28
C GLY B 76 12.37 27.33 32.27
N VAL B 77 11.72 26.48 33.06
CA VAL B 77 12.46 25.72 34.05
C VAL B 77 13.35 24.67 33.39
N GLU B 78 12.91 24.10 32.27
CA GLU B 78 13.73 23.12 31.56
C GLU B 78 15.01 23.78 31.06
N TYR B 79 14.88 24.98 30.50
CA TYR B 79 16.05 25.75 30.07
C TYR B 79 16.99 25.96 31.24
N PHE B 80 16.46 26.43 32.38
CA PHE B 80 17.27 26.61 33.58
C PHE B 80 17.94 25.30 33.98
N VAL B 81 17.15 24.25 34.12
CA VAL B 81 17.67 23.02 34.72
C VAL B 81 18.73 22.39 33.82
N ARG B 82 18.52 22.43 32.50
CA ARG B 82 19.54 21.85 31.64
C ARG B 82 20.83 22.64 31.73
N ILE B 83 20.73 23.98 31.78
CA ILE B 83 21.97 24.75 31.85
C ILE B 83 22.73 24.41 33.12
N TRP B 84 22.02 24.12 34.21
CA TRP B 84 22.72 23.75 35.43
C TRP B 84 23.33 22.36 35.32
N ALA B 85 22.52 21.38 34.97
CA ALA B 85 23.01 20.01 34.95
C ALA B 85 23.97 19.76 33.80
N ALA B 86 24.21 20.76 32.97
CA ALA B 86 25.22 20.65 31.92
C ALA B 86 26.64 20.67 32.48
N GLY B 87 26.82 20.76 33.80
CA GLY B 87 28.16 20.66 34.38
C GLY B 87 28.80 19.31 34.17
N CYS B 88 28.00 18.30 33.84
CA CYS B 88 28.54 16.96 33.65
C CYS B 88 29.46 16.86 32.45
N CYS B 89 29.44 17.85 31.55
CA CYS B 89 30.31 17.78 30.39
C CYS B 89 31.76 17.96 30.80
N CYS B 90 32.59 16.96 30.50
CA CYS B 90 34.00 17.03 30.87
C CYS B 90 34.71 18.16 30.16
N ARG B 91 34.17 18.63 29.02
CA ARG B 91 34.69 19.79 28.32
C ARG B 91 34.07 21.10 28.79
N TYR B 92 32.84 21.05 29.28
CA TYR B 92 32.11 22.25 29.71
C TYR B 92 31.92 22.13 31.21
N ARG B 93 32.74 22.83 31.98
CA ARG B 93 32.83 22.61 33.41
C ARG B 93 32.88 23.94 34.16
N GLY B 94 31.93 24.14 35.08
CA GLY B 94 31.91 25.35 35.91
C GLY B 94 31.63 26.63 35.13
N TRP B 95 32.48 27.63 35.36
CA TRP B 95 32.38 28.92 34.72
C TRP B 95 32.28 28.86 33.20
N ARG B 96 33.37 28.46 32.55
CA ARG B 96 33.44 28.67 31.11
C ARG B 96 32.50 27.75 30.37
N GLY B 97 32.40 26.50 30.82
CA GLY B 97 31.43 25.60 30.21
C GLY B 97 30.03 26.13 30.31
N ARG B 98 29.48 26.20 31.53
CA ARG B 98 28.09 26.60 31.64
C ARG B 98 27.85 28.00 31.15
N LEU B 99 28.89 28.83 31.08
CA LEU B 99 28.79 30.14 30.46
C LEU B 99 28.92 30.11 28.95
N LYS B 100 29.33 28.98 28.37
CA LYS B 100 29.40 28.81 26.92
C LYS B 100 28.46 27.76 26.38
N PHE B 101 27.93 26.88 27.23
CA PHE B 101 27.10 25.78 26.77
C PHE B 101 25.81 26.30 26.14
N ALA B 102 25.27 27.39 26.68
CA ALA B 102 24.09 28.00 26.10
C ALA B 102 24.38 28.69 24.79
N ARG B 103 25.62 28.57 24.30
CA ARG B 103 26.05 29.13 23.03
C ARG B 103 25.99 28.11 21.89
N LYS B 104 25.47 26.92 22.18
CA LYS B 104 25.27 25.93 21.14
C LYS B 104 24.23 26.43 20.13
N PRO B 105 24.27 25.93 18.89
CA PRO B 105 23.32 26.44 17.89
C PRO B 105 21.87 26.16 18.27
N PHE B 106 21.57 24.89 18.54
CA PHE B 106 20.21 24.52 18.90
C PHE B 106 19.77 25.22 20.18
N CYS B 107 20.68 25.41 21.12
CA CYS B 107 20.30 25.99 22.40
C CYS B 107 19.89 27.45 22.25
N VAL B 108 20.59 28.19 21.40
CA VAL B 108 20.30 29.62 21.26
C VAL B 108 19.01 29.83 20.46
N ILE B 109 18.79 29.04 19.41
CA ILE B 109 17.51 29.10 18.73
C ILE B 109 16.40 28.65 19.68
N ASP B 110 16.70 27.71 20.58
CA ASP B 110 15.72 27.25 21.53
C ASP B 110 15.36 28.34 22.53
N ILE B 111 16.35 29.10 22.99
CA ILE B 111 16.06 30.18 23.91
C ILE B 111 15.32 31.31 23.20
N MET B 112 15.62 31.51 21.92
CA MET B 112 14.89 32.51 21.14
C MET B 112 13.42 32.13 21.00
N VAL B 113 13.17 30.86 20.66
CA VAL B 113 11.79 30.38 20.60
C VAL B 113 11.14 30.48 21.97
N LEU B 114 11.89 30.19 23.02
CA LEU B 114 11.32 30.28 24.35
C LEU B 114 11.00 31.72 24.73
N ILE B 115 11.89 32.65 24.39
CA ILE B 115 11.64 34.04 24.75
C ILE B 115 10.46 34.59 23.96
N ALA B 116 10.30 34.17 22.70
CA ALA B 116 9.10 34.54 21.99
C ALA B 116 7.88 34.01 22.71
N SER B 117 7.97 32.79 23.24
CA SER B 117 6.90 32.27 24.09
C SER B 117 6.69 33.16 25.30
N ILE B 118 7.76 33.73 25.83
CA ILE B 118 7.65 34.53 27.04
C ILE B 118 6.91 35.83 26.76
N ALA B 119 7.31 36.53 25.69
CA ALA B 119 6.74 37.83 25.39
C ALA B 119 5.29 37.71 24.96
N VAL B 120 4.97 36.66 24.21
CA VAL B 120 3.62 36.52 23.67
C VAL B 120 2.58 36.45 24.78
N LEU B 121 2.97 36.00 25.97
CA LEU B 121 2.06 36.05 27.10
C LEU B 121 2.26 37.33 27.92
N ALA B 122 3.21 38.18 27.52
CA ALA B 122 3.48 39.42 28.23
C ALA B 122 3.04 40.61 27.41
N SER B 133 -3.23 39.32 15.80
CA SER B 133 -2.20 38.79 14.93
C SER B 133 -1.21 37.92 15.72
N ALA B 134 -1.39 37.86 17.04
CA ALA B 134 -0.42 37.20 17.90
C ALA B 134 -0.45 35.69 17.75
N LEU B 135 -1.61 35.13 17.41
CA LEU B 135 -1.77 33.69 17.42
C LEU B 135 -0.97 33.02 16.31
N ARG B 136 -0.72 33.74 15.22
CA ARG B 136 0.19 33.24 14.20
C ARG B 136 1.55 32.94 14.83
N SER B 137 2.04 33.87 15.65
CA SER B 137 3.31 33.67 16.32
C SER B 137 3.28 32.44 17.23
N LEU B 138 2.19 32.24 17.96
CA LEU B 138 2.20 31.10 18.90
C LEU B 138 2.03 29.77 18.20
N ARG B 139 1.32 29.73 17.08
CA ARG B 139 1.22 28.48 16.33
C ARG B 139 2.58 28.11 15.79
N PHE B 140 3.33 29.09 15.29
CA PHE B 140 4.64 28.80 14.73
C PHE B 140 5.62 28.38 15.82
N LEU B 141 5.62 29.07 16.96
CA LEU B 141 6.62 28.69 17.96
C LEU B 141 6.35 27.29 18.49
N GLN B 142 5.07 26.90 18.52
CA GLN B 142 4.70 25.56 18.96
C GLN B 142 5.28 24.54 17.98
N ILE B 143 5.16 24.84 16.68
CA ILE B 143 5.75 23.99 15.64
C ILE B 143 7.24 23.84 15.87
N LEU B 144 7.91 24.95 16.20
CA LEU B 144 9.34 24.83 16.46
C LEU B 144 9.64 24.07 17.73
N ARG B 145 8.69 23.95 18.65
CA ARG B 145 8.88 23.00 19.74
C ARG B 145 8.89 21.57 19.24
N MET B 146 7.97 21.25 18.34
CA MET B 146 7.96 19.92 17.73
C MET B 146 9.27 19.64 17.00
N ILE B 147 9.63 20.52 16.07
CA ILE B 147 10.90 20.38 15.36
C ILE B 147 12.07 20.50 16.31
N ARG B 148 11.87 21.13 17.46
CA ARG B 148 12.89 21.17 18.49
C ARG B 148 13.12 19.79 19.08
N MET B 149 12.19 18.86 18.84
CA MET B 149 12.38 17.51 19.35
C MET B 149 13.71 16.91 18.93
N ASP B 150 14.24 17.31 17.78
CA ASP B 150 15.39 16.61 17.22
C ASP B 150 16.67 17.00 17.93
N ARG B 151 17.11 18.24 17.74
CA ARG B 151 18.35 18.73 18.32
C ARG B 151 19.56 18.10 17.64
N ARG B 152 19.33 17.13 16.77
CA ARG B 152 20.43 16.45 16.09
C ARG B 152 20.17 16.15 14.62
N GLY B 153 18.94 16.19 14.15
CA GLY B 153 18.67 15.73 12.81
C GLY B 153 18.87 14.26 12.64
N GLY B 154 18.67 13.48 13.71
CA GLY B 154 18.86 12.05 13.60
C GLY B 154 17.89 11.43 12.62
N THR B 155 16.62 11.84 12.68
CA THR B 155 15.62 11.31 11.76
C THR B 155 15.99 11.65 10.32
N TRP B 156 16.43 12.88 10.08
CA TRP B 156 16.84 13.25 8.75
C TRP B 156 18.04 12.43 8.30
N LYS B 157 18.96 12.15 9.22
CA LYS B 157 20.11 11.34 8.86
C LYS B 157 19.69 9.94 8.47
N LEU B 158 18.82 9.34 9.25
CA LEU B 158 18.41 7.97 8.96
C LEU B 158 17.68 7.90 7.62
N LEU B 159 16.77 8.82 7.37
CA LEU B 159 16.06 8.79 6.10
C LEU B 159 16.99 9.00 4.94
N GLY B 160 17.94 9.93 5.07
CA GLY B 160 18.85 10.17 3.98
C GLY B 160 19.73 8.98 3.69
N SER B 161 20.14 8.26 4.73
CA SER B 161 20.95 7.08 4.50
C SER B 161 20.21 6.05 3.68
N VAL B 162 18.98 5.73 4.08
CA VAL B 162 18.27 4.68 3.36
C VAL B 162 17.81 5.14 1.99
N VAL B 163 17.50 6.42 1.83
CA VAL B 163 17.20 6.91 0.49
C VAL B 163 18.45 6.83 -0.38
N TYR B 164 19.61 7.06 0.21
CA TYR B 164 20.84 7.03 -0.58
C TYR B 164 21.16 5.60 -1.01
N ALA B 165 20.98 4.64 -0.11
CA ALA B 165 21.41 3.29 -0.42
C ALA B 165 20.64 2.70 -1.59
N HIS B 166 19.39 3.11 -1.79
CA HIS B 166 18.53 2.52 -2.81
C HIS B 166 18.30 3.46 -3.98
N SER B 167 19.28 4.26 -4.33
CA SER B 167 19.02 5.30 -5.30
C SER B 167 18.71 4.74 -6.68
N LYS B 168 19.30 3.60 -7.04
CA LYS B 168 19.06 3.07 -8.36
C LYS B 168 17.68 2.45 -8.47
N GLU B 169 17.27 1.68 -7.47
CA GLU B 169 15.93 1.10 -7.53
C GLU B 169 14.87 2.18 -7.49
N LEU B 170 15.02 3.17 -6.62
CA LEU B 170 14.05 4.23 -6.52
C LEU B 170 13.94 4.99 -7.84
N VAL B 171 15.06 5.50 -8.33
CA VAL B 171 15.01 6.30 -9.54
C VAL B 171 14.46 5.49 -10.70
N THR B 172 14.62 4.18 -10.67
CA THR B 172 13.88 3.35 -11.61
C THR B 172 12.37 3.54 -11.44
N ALA B 173 11.91 3.55 -10.19
CA ALA B 173 10.48 3.68 -9.97
C ALA B 173 10.00 5.09 -10.30
N TRP B 174 10.77 6.11 -9.96
CA TRP B 174 10.33 7.47 -10.23
C TRP B 174 10.31 7.75 -11.72
N TYR B 175 11.27 7.24 -12.46
CA TYR B 175 11.26 7.45 -13.89
C TYR B 175 10.10 6.72 -14.54
N ILE B 176 9.91 5.44 -14.22
CA ILE B 176 8.89 4.69 -14.94
C ILE B 176 7.50 5.11 -14.51
N GLY B 177 7.32 5.46 -13.24
CA GLY B 177 6.03 5.96 -12.82
C GLY B 177 5.71 7.29 -13.45
N PHE B 178 6.69 8.19 -13.52
CA PHE B 178 6.46 9.47 -14.13
C PHE B 178 6.07 9.34 -15.58
N LEU B 179 6.73 8.44 -16.32
CA LEU B 179 6.32 8.24 -17.69
C LEU B 179 4.90 7.75 -17.78
N CYS B 180 4.52 6.80 -16.94
CA CYS B 180 3.17 6.27 -17.02
C CYS B 180 2.14 7.34 -16.73
N LEU B 181 2.44 8.24 -15.80
CA LEU B 181 1.56 9.37 -15.56
C LEU B 181 1.37 10.19 -16.81
N ILE B 182 2.46 10.69 -17.39
CA ILE B 182 2.32 11.57 -18.54
C ILE B 182 1.63 10.86 -19.67
N LEU B 183 1.94 9.59 -19.88
CA LEU B 183 1.33 8.88 -20.99
C LEU B 183 -0.16 8.69 -20.78
N ALA B 184 -0.56 8.16 -19.63
CA ALA B 184 -1.97 7.88 -19.43
C ALA B 184 -2.79 9.15 -19.42
N SER B 185 -2.27 10.20 -18.81
CA SER B 185 -2.99 11.46 -18.81
C SER B 185 -3.18 11.97 -20.22
N PHE B 186 -2.16 11.83 -21.06
CA PHE B 186 -2.33 12.35 -22.41
C PHE B 186 -3.34 11.53 -23.20
N LEU B 187 -3.28 10.20 -23.11
CA LEU B 187 -4.22 9.39 -23.86
C LEU B 187 -5.66 9.68 -23.45
N VAL B 188 -5.92 9.69 -22.15
CA VAL B 188 -7.26 9.97 -21.67
C VAL B 188 -7.70 11.36 -22.11
N TYR B 189 -6.78 12.31 -22.13
CA TYR B 189 -7.14 13.64 -22.60
C TYR B 189 -7.60 13.60 -24.03
N LEU B 190 -6.94 12.81 -24.87
CA LEU B 190 -7.34 12.76 -26.26
C LEU B 190 -8.71 12.11 -26.41
N ALA B 191 -8.93 11.01 -25.70
CA ALA B 191 -10.17 10.26 -25.87
C ALA B 191 -11.37 10.98 -25.27
N GLU B 192 -11.17 11.87 -24.31
CA GLU B 192 -12.27 12.49 -23.60
C GLU B 192 -12.10 13.98 -23.53
N LYS B 193 -11.67 14.60 -24.62
CA LYS B 193 -11.59 16.05 -24.64
C LYS B 193 -12.84 16.70 -25.19
N GLY B 194 -13.57 16.00 -26.05
CA GLY B 194 -14.74 16.58 -26.67
C GLY B 194 -16.04 16.29 -25.94
N GLU B 195 -16.19 15.07 -25.45
CA GLU B 195 -17.45 14.62 -24.88
C GLU B 195 -17.49 14.74 -23.36
N ASN B 196 -16.64 15.58 -22.77
CA ASN B 196 -16.62 15.69 -21.32
C ASN B 196 -16.11 17.05 -20.90
N ASP B 197 -16.65 17.54 -19.79
CA ASP B 197 -16.26 18.83 -19.25
C ASP B 197 -15.21 18.73 -18.17
N HIS B 198 -14.99 17.55 -17.62
CA HIS B 198 -13.88 17.38 -16.69
C HIS B 198 -12.57 17.68 -17.38
N PHE B 199 -12.31 17.03 -18.50
CA PHE B 199 -11.04 17.13 -19.21
C PHE B 199 -11.17 18.22 -20.25
N ASP B 200 -10.86 19.45 -19.85
CA ASP B 200 -10.93 20.59 -20.73
C ASP B 200 -9.58 20.96 -21.30
N THR B 201 -8.53 20.87 -20.49
CA THR B 201 -7.19 21.22 -20.92
C THR B 201 -6.25 20.15 -20.41
N TYR B 202 -5.00 20.19 -20.88
CA TYR B 202 -4.09 19.16 -20.44
C TYR B 202 -3.90 19.23 -18.94
N ALA B 203 -3.90 20.42 -18.37
CA ALA B 203 -3.64 20.53 -16.95
C ALA B 203 -4.70 19.81 -16.15
N ASP B 204 -5.93 19.75 -16.65
CA ASP B 204 -6.93 18.96 -15.95
C ASP B 204 -6.64 17.48 -16.09
N ALA B 205 -6.23 17.05 -17.27
CA ALA B 205 -5.92 15.63 -17.42
C ALA B 205 -4.78 15.23 -16.53
N LEU B 206 -3.83 16.13 -16.27
CA LEU B 206 -2.75 15.79 -15.36
C LEU B 206 -3.24 15.74 -13.91
N TRP B 207 -4.13 16.64 -13.53
CA TRP B 207 -4.66 16.53 -12.18
C TRP B 207 -5.39 15.21 -12.00
N TRP B 208 -6.15 14.80 -13.01
CA TRP B 208 -6.83 13.53 -12.93
C TRP B 208 -5.87 12.36 -12.87
N GLY B 209 -4.83 12.39 -13.70
CA GLY B 209 -3.87 11.30 -13.67
C GLY B 209 -3.14 11.23 -12.35
N LEU B 210 -2.74 12.37 -11.82
CA LEU B 210 -1.98 12.35 -10.61
C LEU B 210 -2.82 11.90 -9.43
N ILE B 211 -4.13 12.11 -9.50
CA ILE B 211 -5.00 11.77 -8.38
C ILE B 211 -5.58 10.37 -8.49
N THR B 212 -5.57 9.76 -9.66
CA THR B 212 -5.93 8.35 -9.67
C THR B 212 -4.72 7.48 -9.38
N LEU B 213 -3.58 7.82 -9.95
CA LEU B 213 -2.42 6.94 -9.83
C LEU B 213 -1.95 6.83 -8.39
N THR B 214 -2.16 7.83 -7.58
CA THR B 214 -1.89 7.65 -6.16
C THR B 214 -3.04 6.99 -5.44
N THR B 215 -4.07 6.58 -6.16
CA THR B 215 -5.24 5.93 -5.60
C THR B 215 -5.94 6.81 -4.57
N ILE B 216 -5.83 8.13 -4.68
CA ILE B 216 -6.68 8.99 -3.87
C ILE B 216 -8.09 8.96 -4.41
N GLY B 217 -8.26 9.35 -5.67
CA GLY B 217 -9.55 9.25 -6.30
C GLY B 217 -10.59 10.08 -5.60
N TYR B 218 -10.50 11.39 -5.74
CA TYR B 218 -11.47 12.25 -5.09
C TYR B 218 -12.85 12.00 -5.66
N GLY B 219 -12.93 11.82 -6.97
CA GLY B 219 -14.18 11.60 -7.64
C GLY B 219 -14.68 12.81 -8.38
N ASP B 220 -13.93 13.92 -8.33
CA ASP B 220 -14.33 15.13 -9.02
C ASP B 220 -14.08 15.05 -10.52
N LYS B 221 -13.11 14.25 -10.95
CA LYS B 221 -12.85 14.04 -12.37
C LYS B 221 -12.71 12.55 -12.61
N TYR B 222 -13.58 12.00 -13.45
CA TYR B 222 -13.49 10.60 -13.84
C TYR B 222 -13.88 10.50 -15.30
N PRO B 223 -13.32 9.56 -16.02
CA PRO B 223 -13.68 9.41 -17.42
C PRO B 223 -15.02 8.75 -17.59
N GLN B 224 -15.75 9.17 -18.62
CA GLN B 224 -17.13 8.73 -18.78
C GLN B 224 -17.46 8.17 -20.16
N THR B 225 -16.50 8.12 -21.07
CA THR B 225 -16.69 7.47 -22.35
C THR B 225 -15.89 6.19 -22.36
N TRP B 226 -16.41 5.15 -23.01
CA TRP B 226 -15.78 3.85 -22.87
C TRP B 226 -14.36 3.83 -23.42
N ASN B 227 -13.99 4.82 -24.22
CA ASN B 227 -12.58 4.94 -24.60
C ASN B 227 -11.73 5.42 -23.44
N GLY B 228 -12.21 6.41 -22.70
CA GLY B 228 -11.47 6.86 -21.54
C GLY B 228 -11.39 5.78 -20.48
N ARG B 229 -12.47 5.05 -20.26
CA ARG B 229 -12.44 3.97 -19.30
C ARG B 229 -11.48 2.88 -19.71
N LEU B 230 -11.39 2.65 -21.01
CA LEU B 230 -10.56 1.55 -21.50
C LEU B 230 -9.08 1.90 -21.41
N LEU B 231 -8.72 3.14 -21.70
CA LEU B 231 -7.32 3.52 -21.64
C LEU B 231 -6.87 3.75 -20.20
N ALA B 232 -7.71 4.37 -19.39
CA ALA B 232 -7.37 4.47 -17.98
C ALA B 232 -7.21 3.09 -17.38
N ALA B 233 -8.01 2.12 -17.78
CA ALA B 233 -7.95 0.84 -17.10
C ALA B 233 -6.66 0.09 -17.35
N THR B 234 -5.90 0.42 -18.38
CA THR B 234 -4.61 -0.25 -18.52
C THR B 234 -3.52 0.52 -17.79
N PHE B 235 -3.39 1.81 -18.07
CA PHE B 235 -2.34 2.53 -17.39
C PHE B 235 -2.63 2.64 -15.91
N THR B 236 -3.87 2.46 -15.50
CA THR B 236 -4.17 2.40 -14.07
C THR B 236 -3.57 1.17 -13.45
N LEU B 237 -3.86 0.00 -14.01
CA LEU B 237 -3.33 -1.23 -13.44
C LEU B 237 -1.82 -1.18 -13.33
N ILE B 238 -1.15 -0.54 -14.28
CA ILE B 238 0.30 -0.39 -14.18
C ILE B 238 0.66 0.71 -13.20
N GLY B 239 0.14 1.90 -13.43
CA GLY B 239 0.70 3.05 -12.75
C GLY B 239 0.48 3.00 -11.26
N VAL B 240 -0.70 2.53 -10.82
CA VAL B 240 -1.00 2.63 -9.41
C VAL B 240 -0.03 1.79 -8.62
N SER B 241 0.55 0.77 -9.26
CA SER B 241 1.57 -0.06 -8.64
C SER B 241 2.96 0.50 -8.79
N PHE B 242 3.18 1.41 -9.71
CA PHE B 242 4.49 2.06 -9.73
C PHE B 242 4.55 3.26 -8.83
N PHE B 243 3.43 3.88 -8.51
CA PHE B 243 3.43 4.95 -7.54
C PHE B 243 3.54 4.44 -6.12
N ALA B 244 3.27 3.16 -5.90
CA ALA B 244 3.29 2.57 -4.59
C ALA B 244 4.60 1.87 -4.29
N LEU B 245 5.52 1.84 -5.24
CA LEU B 245 6.82 1.21 -4.98
C LEU B 245 7.59 1.96 -3.91
N PRO B 246 7.93 3.22 -4.08
CA PRO B 246 8.88 3.84 -3.17
C PRO B 246 8.51 3.69 -1.71
N ALA B 247 7.24 3.63 -1.38
CA ALA B 247 6.89 3.26 -0.03
C ALA B 247 7.28 1.83 0.26
N GLY B 248 7.10 0.94 -0.72
CA GLY B 248 7.45 -0.45 -0.50
C GLY B 248 8.94 -0.67 -0.41
N ILE B 249 9.69 0.03 -1.25
CA ILE B 249 11.14 -0.12 -1.25
C ILE B 249 11.73 0.43 0.03
N LEU B 250 11.33 1.64 0.42
CA LEU B 250 11.87 2.19 1.65
C LEU B 250 11.42 1.37 2.85
N GLY B 251 10.21 0.84 2.83
CA GLY B 251 9.78 0.03 3.95
C GLY B 251 10.65 -1.19 4.14
N SER B 252 10.90 -1.93 3.05
CA SER B 252 11.83 -3.04 3.16
C SER B 252 13.22 -2.59 3.53
N GLY B 253 13.63 -1.41 3.06
CA GLY B 253 14.97 -0.96 3.36
C GLY B 253 15.18 -0.72 4.85
N PHE B 254 14.22 -0.06 5.47
CA PHE B 254 14.32 0.15 6.91
C PHE B 254 14.35 -1.17 7.66
N ALA B 255 13.48 -2.11 7.30
CA ALA B 255 13.46 -3.37 8.04
C ALA B 255 14.77 -4.13 7.87
N LEU B 256 15.25 -4.25 6.63
CA LEU B 256 16.51 -4.94 6.42
C LEU B 256 17.63 -4.28 7.19
N LYS B 257 17.68 -2.95 7.17
CA LYS B 257 18.77 -2.28 7.84
C LYS B 257 18.71 -2.51 9.33
N VAL B 258 17.52 -2.63 9.91
CA VAL B 258 17.49 -2.85 11.35
C VAL B 258 17.93 -4.25 11.68
N GLN B 259 17.66 -5.22 10.80
CA GLN B 259 18.14 -6.57 11.06
C GLN B 259 19.65 -6.61 11.06
N GLU B 260 20.28 -5.93 10.11
CA GLU B 260 21.75 -5.92 10.08
C GLU B 260 22.32 -5.22 11.29
N GLN B 261 21.77 -4.07 11.69
CA GLN B 261 22.25 -3.44 12.90
C GLN B 261 21.96 -4.31 14.11
N HIS B 262 20.93 -5.13 14.02
CA HIS B 262 20.62 -6.03 15.11
C HIS B 262 21.76 -7.00 15.35
N ARG B 263 22.11 -7.77 14.33
CA ARG B 263 23.15 -8.78 14.50
C ARG B 263 24.49 -8.13 14.82
N GLN B 264 24.85 -7.10 14.05
CA GLN B 264 26.12 -6.43 14.29
C GLN B 264 26.24 -5.99 15.74
N LYS B 265 25.16 -5.51 16.34
CA LYS B 265 25.22 -5.06 17.71
C LYS B 265 25.20 -6.22 18.68
N HIS B 266 24.51 -7.31 18.33
CA HIS B 266 24.54 -8.50 19.18
C HIS B 266 25.96 -8.99 19.37
N PHE B 267 26.84 -8.71 18.40
CA PHE B 267 28.26 -8.96 18.62
C PHE B 267 28.91 -7.78 19.35
N GLU B 268 28.93 -6.61 18.72
CA GLU B 268 29.70 -5.48 19.20
C GLU B 268 28.84 -4.25 19.53
N ARG C 8 -11.27 -48.26 33.87
CA ARG C 8 -11.90 -46.96 33.70
C ARG C 8 -11.02 -45.85 34.27
N ASN C 9 -9.76 -46.17 34.51
CA ASN C 9 -8.77 -45.19 34.97
C ASN C 9 -7.90 -44.68 33.83
N ALA C 10 -7.34 -45.60 33.03
CA ALA C 10 -6.53 -45.18 31.89
C ALA C 10 -7.36 -44.46 30.84
N PHE C 11 -8.65 -44.82 30.72
CA PHE C 11 -9.54 -44.08 29.84
C PHE C 11 -9.88 -42.73 30.45
N TYR C 12 -10.19 -42.74 31.75
CA TYR C 12 -10.30 -41.54 32.56
C TYR C 12 -9.12 -40.61 32.32
N ARG C 13 -7.91 -41.16 32.47
CA ARG C 13 -6.70 -40.36 32.43
C ARG C 13 -6.25 -40.03 31.01
N LYS C 14 -6.49 -40.94 30.06
CA LYS C 14 -6.17 -40.64 28.67
C LYS C 14 -7.01 -39.46 28.16
N LEU C 15 -8.33 -39.60 28.22
CA LEU C 15 -9.20 -38.56 27.70
C LEU C 15 -9.00 -37.26 28.46
N GLN C 16 -8.61 -37.34 29.73
CA GLN C 16 -8.19 -36.12 30.41
C GLN C 16 -7.03 -35.47 29.69
N ASN C 17 -6.02 -36.26 29.32
CA ASN C 17 -4.87 -35.68 28.64
C ASN C 17 -5.25 -35.03 27.32
N PHE C 18 -5.84 -35.81 26.42
CA PHE C 18 -6.12 -35.28 25.09
C PHE C 18 -7.17 -34.17 25.10
N LEU C 19 -8.10 -34.21 26.05
CA LEU C 19 -9.11 -33.16 26.11
C LEU C 19 -8.53 -31.83 26.59
N TYR C 20 -7.73 -31.87 27.65
CA TYR C 20 -7.08 -30.65 28.10
C TYR C 20 -5.89 -30.30 27.21
N ASN C 21 -5.65 -31.13 26.19
CA ASN C 21 -4.84 -30.77 25.02
C ASN C 21 -5.67 -29.93 24.04
N VAL C 22 -6.88 -30.38 23.73
CA VAL C 22 -7.71 -29.71 22.74
C VAL C 22 -8.30 -28.44 23.34
N LEU C 23 -9.00 -28.57 24.47
CA LEU C 23 -9.57 -27.40 25.11
C LEU C 23 -8.46 -26.41 25.48
N GLU C 24 -7.45 -26.88 26.19
CA GLU C 24 -6.29 -26.05 26.50
C GLU C 24 -5.36 -25.96 25.29
N ARG C 25 -4.12 -25.53 25.52
CA ARG C 25 -3.18 -25.26 24.44
C ARG C 25 -3.24 -26.34 23.37
N PRO C 26 -3.85 -26.02 22.23
CA PRO C 26 -4.15 -27.03 21.21
C PRO C 26 -3.04 -27.14 20.17
N ARG C 27 -2.87 -28.35 19.65
CA ARG C 27 -1.74 -28.66 18.79
C ARG C 27 -2.15 -28.99 17.36
N GLY C 28 -3.01 -29.98 17.18
CA GLY C 28 -3.28 -30.55 15.87
C GLY C 28 -4.65 -30.27 15.33
N TRP C 29 -5.58 -31.19 15.58
CA TRP C 29 -6.95 -31.04 15.13
C TRP C 29 -7.80 -30.24 16.09
N ALA C 30 -7.24 -29.81 17.22
CA ALA C 30 -7.98 -28.94 18.12
C ALA C 30 -8.20 -27.56 17.53
N PHE C 31 -7.40 -27.19 16.52
CA PHE C 31 -7.67 -25.95 15.82
C PHE C 31 -8.98 -26.03 15.05
N ILE C 32 -9.44 -27.23 14.70
CA ILE C 32 -10.76 -27.36 14.12
C ILE C 32 -11.80 -26.86 15.10
N TYR C 33 -11.78 -27.38 16.34
CA TYR C 33 -12.76 -26.97 17.33
C TYR C 33 -12.65 -25.50 17.65
N HIS C 34 -11.43 -24.99 17.75
CA HIS C 34 -11.32 -23.58 18.10
C HIS C 34 -11.79 -22.69 16.95
N ALA C 35 -11.64 -23.13 15.71
CA ALA C 35 -12.21 -22.38 14.59
C ALA C 35 -13.74 -22.43 14.60
N TYR C 36 -14.33 -23.60 14.88
CA TYR C 36 -15.78 -23.68 14.82
C TYR C 36 -16.44 -22.94 15.98
N VAL C 37 -15.80 -22.90 17.14
CA VAL C 37 -16.37 -22.09 18.21
C VAL C 37 -16.25 -20.62 17.85
N PHE C 38 -15.19 -20.25 17.15
CA PHE C 38 -15.11 -18.89 16.63
C PHE C 38 -16.23 -18.60 15.65
N LEU C 39 -16.62 -19.59 14.86
CA LEU C 39 -17.70 -19.37 13.92
C LEU C 39 -19.02 -19.11 14.63
N LEU C 40 -19.30 -19.85 15.69
CA LEU C 40 -20.59 -19.64 16.35
C LEU C 40 -20.66 -18.27 17.01
N VAL C 41 -19.61 -17.87 17.72
CA VAL C 41 -19.62 -16.53 18.31
C VAL C 41 -19.68 -15.46 17.23
N PHE C 42 -18.97 -15.68 16.14
CA PHE C 42 -18.92 -14.68 15.07
C PHE C 42 -20.27 -14.51 14.41
N SER C 43 -20.87 -15.62 13.95
CA SER C 43 -22.17 -15.53 13.31
C SER C 43 -23.24 -15.02 14.26
N CYS C 44 -23.10 -15.28 15.55
CA CYS C 44 -24.03 -14.66 16.49
C CYS C 44 -23.88 -13.15 16.51
N LEU C 45 -22.66 -12.65 16.35
CA LEU C 45 -22.48 -11.20 16.28
C LEU C 45 -23.10 -10.64 15.00
N VAL C 46 -22.93 -11.35 13.89
CA VAL C 46 -23.48 -10.87 12.62
C VAL C 46 -25.00 -10.76 12.69
N LEU C 47 -25.67 -11.82 13.14
CA LEU C 47 -27.11 -11.70 13.27
C LEU C 47 -27.48 -10.58 14.22
N SER C 48 -26.66 -10.30 15.21
CA SER C 48 -26.92 -9.13 16.03
C SER C 48 -26.90 -7.86 15.20
N VAL C 49 -26.08 -7.80 14.14
CA VAL C 49 -26.09 -6.63 13.28
C VAL C 49 -27.34 -6.61 12.40
N PHE C 50 -27.76 -7.77 11.89
CA PHE C 50 -28.98 -7.80 11.10
C PHE C 50 -30.18 -7.32 11.90
N SER C 51 -30.13 -7.43 13.21
CA SER C 51 -31.19 -6.87 14.04
C SER C 51 -31.36 -5.37 13.82
N THR C 52 -30.33 -4.68 13.35
CA THR C 52 -30.41 -3.22 13.22
C THR C 52 -31.35 -2.80 12.09
N ILE C 53 -31.37 -3.54 10.99
CA ILE C 53 -32.21 -3.17 9.85
C ILE C 53 -33.67 -3.45 10.21
N LYS C 54 -34.47 -2.39 10.31
CA LYS C 54 -35.87 -2.57 10.71
C LYS C 54 -36.69 -3.27 9.64
N GLU C 55 -36.18 -3.33 8.40
CA GLU C 55 -36.91 -3.99 7.33
C GLU C 55 -36.78 -5.52 7.42
N TYR C 56 -35.68 -6.00 7.99
CA TYR C 56 -35.48 -7.42 8.27
C TYR C 56 -35.19 -7.65 9.75
N GLU C 57 -35.51 -6.67 10.59
CA GLU C 57 -35.30 -6.81 12.02
C GLU C 57 -36.04 -8.02 12.58
N LYS C 58 -37.32 -8.18 12.22
CA LYS C 58 -38.12 -9.25 12.81
C LYS C 58 -37.65 -10.64 12.36
N SER C 59 -37.32 -10.80 11.07
CA SER C 59 -36.86 -12.09 10.61
C SER C 59 -35.56 -12.50 11.28
N SER C 60 -34.56 -11.61 11.26
CA SER C 60 -33.29 -11.94 11.89
C SER C 60 -33.49 -12.17 13.38
N GLU C 61 -34.27 -11.32 14.05
CA GLU C 61 -34.48 -11.48 15.48
C GLU C 61 -35.08 -12.85 15.79
N GLY C 62 -35.96 -13.32 14.92
CA GLY C 62 -36.49 -14.67 15.03
C GLY C 62 -35.38 -15.68 15.10
N ALA C 63 -34.53 -15.73 14.07
CA ALA C 63 -33.45 -16.71 14.09
C ALA C 63 -32.42 -16.41 15.17
N LEU C 64 -32.30 -15.16 15.62
CA LEU C 64 -31.20 -14.81 16.49
C LEU C 64 -31.43 -15.27 17.93
N TYR C 65 -32.66 -15.20 18.43
CA TYR C 65 -32.88 -15.80 19.75
C TYR C 65 -32.56 -17.29 19.74
N ILE C 66 -32.85 -17.97 18.62
CA ILE C 66 -32.56 -19.39 18.52
C ILE C 66 -31.05 -19.64 18.57
N LEU C 67 -30.30 -18.97 17.70
CA LEU C 67 -28.84 -19.15 17.75
C LEU C 67 -28.28 -18.67 19.07
N GLU C 68 -28.97 -17.74 19.72
CA GLU C 68 -28.63 -17.39 21.09
C GLU C 68 -28.82 -18.59 22.02
N ILE C 69 -29.86 -19.37 21.76
CA ILE C 69 -30.08 -20.59 22.54
C ILE C 69 -28.86 -21.48 22.45
N VAL C 70 -28.46 -21.81 21.23
CA VAL C 70 -27.36 -22.74 21.03
C VAL C 70 -26.07 -22.16 21.60
N THR C 71 -25.83 -20.86 21.44
CA THR C 71 -24.57 -20.32 21.90
C THR C 71 -24.48 -20.35 23.42
N ILE C 72 -25.58 -20.09 24.12
CA ILE C 72 -25.53 -20.18 25.58
C ILE C 72 -25.28 -21.62 26.00
N VAL C 73 -25.94 -22.58 25.34
CA VAL C 73 -25.74 -23.98 25.69
C VAL C 73 -24.31 -24.41 25.40
N VAL C 74 -23.76 -23.99 24.25
CA VAL C 74 -22.41 -24.37 23.89
C VAL C 74 -21.42 -23.91 24.93
N PHE C 75 -21.47 -22.64 25.31
CA PHE C 75 -20.44 -22.16 26.21
C PHE C 75 -20.68 -22.60 27.64
N GLY C 76 -21.94 -22.84 28.02
CA GLY C 76 -22.18 -23.48 29.30
C GLY C 76 -21.47 -24.82 29.40
N VAL C 77 -21.64 -25.65 28.37
CA VAL C 77 -21.01 -26.97 28.41
C VAL C 77 -19.49 -26.86 28.28
N GLU C 78 -19.01 -25.89 27.52
CA GLU C 78 -17.56 -25.70 27.39
C GLU C 78 -16.95 -25.34 28.74
N TYR C 79 -17.62 -24.44 29.46
CA TYR C 79 -17.19 -24.08 30.81
C TYR C 79 -17.14 -25.32 31.69
N PHE C 80 -18.21 -26.12 31.68
CA PHE C 80 -18.23 -27.37 32.44
C PHE C 80 -17.08 -28.27 32.02
N VAL C 81 -16.96 -28.53 30.73
CA VAL C 81 -16.04 -29.56 30.27
C VAL C 81 -14.60 -29.15 30.54
N ARG C 82 -14.28 -27.87 30.36
CA ARG C 82 -12.91 -27.47 30.64
C ARG C 82 -12.60 -27.61 32.12
N ILE C 83 -13.56 -27.25 32.98
CA ILE C 83 -13.26 -27.38 34.41
C ILE C 83 -13.01 -28.83 34.77
N TRP C 84 -13.69 -29.77 34.12
CA TRP C 84 -13.43 -31.17 34.41
C TRP C 84 -12.08 -31.60 33.87
N ALA C 85 -11.85 -31.38 32.58
CA ALA C 85 -10.63 -31.87 31.97
C ALA C 85 -9.40 -31.10 32.43
N ALA C 86 -9.59 -30.09 33.27
CA ALA C 86 -8.46 -29.38 33.86
C ALA C 86 -7.74 -30.22 34.91
N GLY C 87 -8.16 -31.46 35.17
CA GLY C 87 -7.43 -32.32 36.07
C GLY C 87 -6.04 -32.67 35.58
N CYS C 88 -5.79 -32.48 34.28
CA CYS C 88 -4.49 -32.82 33.72
C CYS C 88 -3.37 -31.94 34.26
N CYS C 89 -3.70 -30.81 34.89
CA CYS C 89 -2.64 -29.95 35.40
C CYS C 89 -1.96 -30.62 36.58
N CYS C 90 -0.65 -30.82 36.46
CA CYS C 90 0.11 -31.46 37.54
C CYS C 90 0.10 -30.63 38.80
N ARG C 91 -0.15 -29.32 38.69
CA ARG C 91 -0.30 -28.45 39.85
C ARG C 91 -1.73 -28.35 40.35
N TYR C 92 -2.70 -28.54 39.45
CA TYR C 92 -4.12 -28.43 39.79
C TYR C 92 -4.72 -29.81 39.64
N ARG C 93 -4.92 -30.51 40.75
CA ARG C 93 -5.24 -31.93 40.72
C ARG C 93 -6.35 -32.25 41.72
N GLY C 94 -7.44 -32.83 41.23
CA GLY C 94 -8.55 -33.24 42.10
C GLY C 94 -9.28 -32.08 42.76
N TRP C 95 -9.46 -32.20 44.07
CA TRP C 95 -10.13 -31.20 44.88
C TRP C 95 -9.60 -29.78 44.70
N ARG C 96 -8.37 -29.54 45.17
CA ARG C 96 -7.94 -28.16 45.30
C ARG C 96 -7.69 -27.53 43.94
N GLY C 97 -7.11 -28.28 43.02
CA GLY C 97 -6.94 -27.76 41.68
C GLY C 97 -8.26 -27.38 41.05
N ARG C 98 -9.11 -28.36 40.77
CA ARG C 98 -10.34 -28.04 40.06
C ARG C 98 -11.23 -27.11 40.85
N LEU C 99 -11.05 -27.05 42.17
CA LEU C 99 -11.74 -26.07 42.99
C LEU C 99 -11.08 -24.70 42.99
N LYS C 100 -9.86 -24.59 42.46
CA LYS C 100 -9.17 -23.30 42.33
C LYS C 100 -8.91 -22.90 40.89
N PHE C 101 -9.00 -23.82 39.94
CA PHE C 101 -8.67 -23.52 38.56
C PHE C 101 -9.63 -22.49 37.98
N ALA C 102 -10.90 -22.55 38.38
CA ALA C 102 -11.87 -21.57 37.94
C ALA C 102 -11.64 -20.22 38.57
N ARG C 103 -10.56 -20.08 39.35
CA ARG C 103 -10.17 -18.84 39.99
C ARG C 103 -9.13 -18.06 39.18
N LYS C 104 -8.79 -18.55 37.99
CA LYS C 104 -7.91 -17.83 37.11
C LYS C 104 -8.55 -16.52 36.68
N PRO C 105 -7.74 -15.52 36.29
CA PRO C 105 -8.34 -14.23 35.93
C PRO C 105 -9.26 -14.33 34.72
N PHE C 106 -8.73 -14.88 33.63
CA PHE C 106 -9.52 -15.01 32.41
C PHE C 106 -10.74 -15.89 32.64
N CYS C 107 -10.61 -16.92 33.48
CA CYS C 107 -11.71 -17.86 33.67
C CYS C 107 -12.88 -17.19 34.38
N VAL C 108 -12.58 -16.35 35.37
CA VAL C 108 -13.66 -15.73 36.16
C VAL C 108 -14.36 -14.64 35.35
N ILE C 109 -13.60 -13.85 34.59
CA ILE C 109 -14.24 -12.91 33.69
C ILE C 109 -15.02 -13.66 32.63
N ASP C 110 -14.55 -14.84 32.23
CA ASP C 110 -15.25 -15.64 31.25
C ASP C 110 -16.57 -16.17 31.80
N ILE C 111 -16.58 -16.59 33.05
CA ILE C 111 -17.81 -17.07 33.65
C ILE C 111 -18.77 -15.91 33.88
N MET C 112 -18.24 -14.73 34.18
CA MET C 112 -19.08 -13.55 34.32
C MET C 112 -19.76 -13.19 33.00
N VAL C 113 -18.97 -13.19 31.91
CA VAL C 113 -19.56 -12.96 30.59
C VAL C 113 -20.55 -14.06 30.26
N LEU C 114 -20.25 -15.29 30.65
CA LEU C 114 -21.18 -16.37 30.36
C LEU C 114 -22.47 -16.23 31.15
N ILE C 115 -22.36 -15.84 32.43
CA ILE C 115 -23.57 -15.71 33.24
C ILE C 115 -24.41 -14.55 32.75
N ALA C 116 -23.78 -13.47 32.28
CA ALA C 116 -24.56 -12.42 31.65
C ALA C 116 -25.29 -12.97 30.44
N SER C 117 -24.63 -13.84 29.68
CA SER C 117 -25.31 -14.53 28.59
C SER C 117 -26.48 -15.35 29.11
N ILE C 118 -26.33 -15.93 30.30
CA ILE C 118 -27.37 -16.79 30.84
C ILE C 118 -28.61 -15.98 31.21
N ALA C 119 -28.40 -14.87 31.93
CA ALA C 119 -29.52 -14.09 32.43
C ALA C 119 -30.25 -13.39 31.29
N VAL C 120 -29.50 -12.92 30.29
CA VAL C 120 -30.11 -12.16 29.21
C VAL C 120 -31.16 -12.98 28.47
N LEU C 121 -31.04 -14.30 28.48
CA LEU C 121 -32.09 -15.12 27.92
C LEU C 121 -33.09 -15.56 28.99
N ALA C 122 -32.87 -15.15 30.24
CA ALA C 122 -33.76 -15.51 31.34
C ALA C 122 -34.53 -14.30 31.83
N SER C 133 -33.58 -2.46 25.93
CA SER C 133 -32.22 -2.05 26.26
C SER C 133 -31.29 -3.26 26.39
N ALA C 134 -31.87 -4.46 26.28
CA ALA C 134 -31.11 -5.68 26.55
C ALA C 134 -30.08 -5.97 25.45
N LEU C 135 -30.36 -5.56 24.23
CA LEU C 135 -29.54 -5.95 23.10
C LEU C 135 -28.16 -5.30 23.16
N ARG C 136 -28.06 -4.13 23.79
CA ARG C 136 -26.76 -3.54 24.04
C ARG C 136 -25.89 -4.52 24.83
N SER C 137 -26.47 -5.12 25.86
CA SER C 137 -25.74 -6.10 26.66
C SER C 137 -25.30 -7.29 25.82
N LEU C 138 -26.16 -7.78 24.93
CA LEU C 138 -25.76 -8.98 24.19
C LEU C 138 -24.74 -8.69 23.10
N ARG C 139 -24.78 -7.50 22.52
CA ARG C 139 -23.76 -7.15 21.55
C ARG C 139 -22.41 -7.05 22.23
N PHE C 140 -22.38 -6.47 23.42
CA PHE C 140 -21.11 -6.34 24.13
C PHE C 140 -20.58 -7.70 24.58
N LEU C 141 -21.45 -8.56 25.12
CA LEU C 141 -20.91 -9.82 25.61
C LEU C 141 -20.37 -10.66 24.46
N GLN C 142 -20.99 -10.51 23.28
CA GLN C 142 -20.51 -11.22 22.09
C GLN C 142 -19.10 -10.75 21.75
N ILE C 143 -18.90 -9.43 21.82
CA ILE C 143 -17.58 -8.84 21.59
C ILE C 143 -16.57 -9.44 22.57
N LEU C 144 -16.96 -9.57 23.83
CA LEU C 144 -16.04 -10.17 24.78
C LEU C 144 -15.81 -11.64 24.52
N ARG C 145 -16.70 -12.32 23.79
CA ARG C 145 -16.36 -13.66 23.32
C ARG C 145 -15.23 -13.60 22.30
N MET C 146 -15.30 -12.65 21.38
CA MET C 146 -14.22 -12.48 20.42
C MET C 146 -12.90 -12.17 21.11
N ILE C 147 -12.89 -11.13 21.95
CA ILE C 147 -11.70 -10.81 22.72
C ILE C 147 -11.35 -11.92 23.69
N ARG C 148 -12.31 -12.76 24.03
CA ARG C 148 -12.04 -13.94 24.84
C ARG C 148 -11.21 -14.94 24.06
N MET C 149 -11.13 -14.78 22.73
CA MET C 149 -10.31 -15.69 21.94
C MET C 149 -8.88 -15.78 22.46
N ASP C 150 -8.37 -14.71 23.06
CA ASP C 150 -6.94 -14.66 23.37
C ASP C 150 -6.61 -15.50 24.59
N ARG C 151 -7.06 -15.06 25.76
CA ARG C 151 -6.77 -15.74 27.01
C ARG C 151 -5.30 -15.57 27.40
N ARG C 152 -4.50 -14.98 26.52
CA ARG C 152 -3.08 -14.81 26.80
C ARG C 152 -2.52 -13.47 26.34
N GLY C 153 -3.19 -12.73 25.47
CA GLY C 153 -2.58 -11.57 24.90
C GLY C 153 -1.43 -11.89 23.99
N GLY C 154 -1.44 -13.06 23.36
CA GLY C 154 -0.34 -13.42 22.48
C GLY C 154 -0.22 -12.47 21.32
N THR C 155 -1.36 -12.11 20.70
CA THR C 155 -1.33 -11.18 19.58
C THR C 155 -0.79 -9.84 20.01
N TRP C 156 -1.20 -9.36 21.18
CA TRP C 156 -0.68 -8.10 21.67
C TRP C 156 0.81 -8.20 21.93
N LYS C 157 1.27 -9.34 22.43
CA LYS C 157 2.69 -9.51 22.67
C LYS C 157 3.47 -9.46 21.37
N LEU C 158 3.00 -10.16 20.36
CA LEU C 158 3.72 -10.19 19.10
C LEU C 158 3.78 -8.81 18.47
N LEU C 159 2.66 -8.10 18.46
CA LEU C 159 2.68 -6.77 17.87
C LEU C 159 3.59 -5.84 18.64
N GLY C 160 3.57 -5.91 19.96
CA GLY C 160 4.41 -5.03 20.74
C GLY C 160 5.88 -5.31 20.52
N SER C 161 6.24 -6.58 20.35
CA SER C 161 7.63 -6.89 20.09
C SER C 161 8.11 -6.26 18.80
N VAL C 162 7.35 -6.45 17.72
CA VAL C 162 7.83 -5.92 16.45
C VAL C 162 7.74 -4.41 16.38
N VAL C 163 6.75 -3.81 17.05
CA VAL C 163 6.73 -2.36 17.12
C VAL C 163 7.92 -1.86 17.91
N TYR C 164 8.33 -2.61 18.93
CA TYR C 164 9.46 -2.16 19.74
C TYR C 164 10.76 -2.26 18.95
N ALA C 165 10.93 -3.33 18.19
CA ALA C 165 12.21 -3.53 17.54
C ALA C 165 12.51 -2.44 16.53
N HIS C 166 11.49 -1.86 15.91
CA HIS C 166 11.68 -0.88 14.84
C HIS C 166 11.35 0.53 15.28
N SER C 167 11.60 0.87 16.53
CA SER C 167 11.11 2.14 17.03
C SER C 167 11.78 3.32 16.35
N LYS C 168 13.04 3.19 15.96
CA LYS C 168 13.71 4.31 15.36
C LYS C 168 13.25 4.55 13.94
N GLU C 169 13.10 3.49 13.15
CA GLU C 169 12.62 3.68 11.78
C GLU C 169 11.20 4.21 11.79
N LEU C 170 10.33 3.64 12.63
CA LEU C 170 8.96 4.09 12.68
C LEU C 170 8.88 5.55 13.08
N VAL C 171 9.47 5.91 14.21
CA VAL C 171 9.36 7.28 14.68
C VAL C 171 9.94 8.24 13.67
N THR C 172 10.90 7.79 12.87
CA THR C 172 11.29 8.60 11.72
C THR C 172 10.10 8.83 10.79
N ALA C 173 9.33 7.79 10.52
CA ALA C 173 8.21 7.94 9.60
C ALA C 173 7.10 8.77 10.23
N TRP C 174 6.82 8.58 11.51
CA TRP C 174 5.75 9.33 12.14
C TRP C 174 6.09 10.80 12.25
N TYR C 175 7.34 11.11 12.54
CA TYR C 175 7.72 12.51 12.62
C TYR C 175 7.66 13.16 11.25
N ILE C 176 8.26 12.54 10.24
CA ILE C 176 8.33 13.22 8.95
C ILE C 176 6.97 13.26 8.27
N GLY C 177 6.17 12.22 8.44
CA GLY C 177 4.82 12.27 7.90
C GLY C 177 3.98 13.32 8.57
N PHE C 178 4.07 13.42 9.89
CA PHE C 178 3.31 14.42 10.60
C PHE C 178 3.67 15.81 10.17
N LEU C 179 4.96 16.08 9.97
CA LEU C 179 5.33 17.40 9.48
C LEU C 179 4.73 17.66 8.12
N CYS C 180 4.80 16.69 7.22
CA CYS C 180 4.27 16.91 5.88
C CYS C 180 2.79 17.20 5.92
N LEU C 181 2.06 16.53 6.80
CA LEU C 181 0.65 16.83 6.98
C LEU C 181 0.45 18.28 7.35
N ILE C 182 1.05 18.71 8.46
CA ILE C 182 0.81 20.07 8.92
C ILE C 182 1.24 21.07 7.88
N LEU C 183 2.35 20.82 7.21
CA LEU C 183 2.81 21.78 6.22
C LEU C 183 1.86 21.87 5.04
N ALA C 184 1.52 20.75 4.43
CA ALA C 184 0.70 20.80 3.24
C ALA C 184 -0.67 21.35 3.55
N SER C 185 -1.24 20.96 4.68
CA SER C 185 -2.53 21.50 5.05
C SER C 185 -2.48 23.00 5.21
N PHE C 186 -1.40 23.51 5.80
CA PHE C 186 -1.36 24.95 5.97
C PHE C 186 -1.20 25.68 4.65
N LEU C 187 -0.33 25.19 3.77
CA LEU C 187 -0.15 25.87 2.49
C LEU C 187 -1.44 25.90 1.69
N VAL C 188 -2.10 24.75 1.57
CA VAL C 188 -3.35 24.69 0.83
C VAL C 188 -4.38 25.60 1.47
N TYR C 189 -4.38 25.70 2.79
CA TYR C 189 -5.32 26.60 3.44
C TYR C 189 -5.07 28.03 3.03
N LEU C 190 -3.81 28.42 2.91
CA LEU C 190 -3.53 29.79 2.52
C LEU C 190 -3.96 30.05 1.09
N ALA C 191 -3.65 29.12 0.18
CA ALA C 191 -3.92 29.35 -1.22
C ALA C 191 -5.41 29.27 -1.55
N GLU C 192 -6.20 28.60 -0.75
CA GLU C 192 -7.60 28.37 -1.06
C GLU C 192 -8.49 28.69 0.12
N LYS C 193 -8.21 29.79 0.80
CA LYS C 193 -9.09 30.21 1.87
C LYS C 193 -10.14 31.20 1.41
N GLY C 194 -9.86 31.96 0.36
CA GLY C 194 -10.79 32.98 -0.09
C GLY C 194 -11.72 32.51 -1.19
N GLU C 195 -11.20 31.73 -2.13
CA GLU C 195 -11.96 31.35 -3.32
C GLU C 195 -12.62 29.99 -3.20
N ASN C 196 -12.83 29.50 -1.97
CA ASN C 196 -13.41 28.18 -1.82
C ASN C 196 -14.12 28.06 -0.48
N ASP C 197 -15.20 27.29 -0.48
CA ASP C 197 -15.99 27.09 0.73
C ASP C 197 -15.62 25.82 1.46
N HIS C 198 -14.90 24.90 0.81
CA HIS C 198 -14.40 23.74 1.52
C HIS C 198 -13.47 24.17 2.65
N PHE C 199 -12.47 24.97 2.32
CA PHE C 199 -11.43 25.37 3.26
C PHE C 199 -11.84 26.68 3.89
N ASP C 200 -12.58 26.59 4.98
CA ASP C 200 -13.05 27.76 5.70
C ASP C 200 -12.19 28.09 6.89
N THR C 201 -11.72 27.07 7.61
CA THR C 201 -10.91 27.26 8.80
C THR C 201 -9.78 26.26 8.74
N TYR C 202 -8.80 26.43 9.63
CA TYR C 202 -7.68 25.51 9.58
C TYR C 202 -8.16 24.09 9.83
N ALA C 203 -9.14 23.92 10.69
CA ALA C 203 -9.57 22.56 11.02
C ALA C 203 -10.09 21.85 9.79
N ASP C 204 -10.69 22.58 8.85
CA ASP C 204 -11.09 21.93 7.62
C ASP C 204 -9.88 21.56 6.78
N ALA C 205 -8.89 22.43 6.72
CA ALA C 205 -7.71 22.09 5.94
C ALA C 205 -7.02 20.88 6.52
N LEU C 206 -7.07 20.69 7.83
CA LEU C 206 -6.47 19.50 8.41
C LEU C 206 -7.29 18.26 8.09
N TRP C 207 -8.61 18.36 8.10
CA TRP C 207 -9.39 17.20 7.71
C TRP C 207 -9.08 16.82 6.27
N TRP C 208 -8.94 17.81 5.40
CA TRP C 208 -8.59 17.52 4.02
C TRP C 208 -7.22 16.91 3.89
N GLY C 209 -6.24 17.44 4.62
CA GLY C 209 -4.91 16.88 4.54
C GLY C 209 -4.86 15.46 5.07
N LEU C 210 -5.53 15.22 6.17
CA LEU C 210 -5.46 13.91 6.76
C LEU C 210 -6.16 12.88 5.89
N ILE C 211 -7.14 13.30 5.11
CA ILE C 211 -7.91 12.36 4.30
C ILE C 211 -7.34 12.19 2.90
N THR C 212 -6.50 13.09 2.43
CA THR C 212 -5.82 12.77 1.18
C THR C 212 -4.56 11.98 1.45
N LEU C 213 -3.81 12.34 2.47
CA LEU C 213 -2.52 11.71 2.69
C LEU C 213 -2.66 10.23 3.01
N THR C 214 -3.75 9.82 3.60
CA THR C 214 -3.97 8.39 3.73
C THR C 214 -4.57 7.79 2.48
N THR C 215 -4.72 8.57 1.42
CA THR C 215 -5.28 8.12 0.16
C THR C 215 -6.70 7.59 0.33
N ILE C 216 -7.44 8.05 1.33
CA ILE C 216 -8.87 7.75 1.36
C ILE C 216 -9.59 8.56 0.31
N GLY C 217 -9.49 9.88 0.40
CA GLY C 217 -10.05 10.73 -0.62
C GLY C 217 -11.54 10.56 -0.74
N TYR C 218 -12.28 11.05 0.24
CA TYR C 218 -13.72 10.92 0.17
C TYR C 218 -14.26 11.69 -1.01
N GLY C 219 -13.71 12.87 -1.25
CA GLY C 219 -14.16 13.72 -2.33
C GLY C 219 -15.00 14.87 -1.87
N ASP C 220 -15.25 14.98 -0.56
CA ASP C 220 -16.05 16.07 -0.03
C ASP C 220 -15.28 17.37 0.02
N LYS C 221 -13.96 17.32 0.14
CA LYS C 221 -13.13 18.52 0.12
C LYS C 221 -11.97 18.27 -0.84
N TYR C 222 -11.88 19.09 -1.88
CA TYR C 222 -10.77 19.02 -2.81
C TYR C 222 -10.43 20.44 -3.23
N PRO C 223 -9.18 20.71 -3.52
CA PRO C 223 -8.81 22.05 -3.94
C PRO C 223 -9.20 22.31 -5.37
N GLN C 224 -9.58 23.56 -5.64
CA GLN C 224 -10.15 23.90 -6.94
C GLN C 224 -9.50 25.09 -7.63
N THR C 225 -8.49 25.71 -7.01
CA THR C 225 -7.73 26.75 -7.67
C THR C 225 -6.35 26.20 -8.00
N TRP C 226 -5.78 26.62 -9.12
CA TRP C 226 -4.57 25.97 -9.58
C TRP C 226 -3.42 26.15 -8.60
N ASN C 227 -3.52 27.10 -7.68
CA ASN C 227 -2.52 27.16 -6.62
C ASN C 227 -2.70 26.03 -5.62
N GLY C 228 -3.93 25.74 -5.23
CA GLY C 228 -4.16 24.63 -4.34
C GLY C 228 -3.80 23.31 -4.99
N ARG C 229 -4.11 23.14 -6.26
CA ARG C 229 -3.75 21.92 -6.95
C ARG C 229 -2.25 21.77 -7.05
N LEU C 230 -1.56 22.88 -7.21
CA LEU C 230 -0.12 22.83 -7.41
C LEU C 230 0.61 22.51 -6.11
N LEU C 231 0.15 23.07 -4.99
CA LEU C 231 0.80 22.80 -3.72
C LEU C 231 0.43 21.43 -3.18
N ALA C 232 -0.83 21.05 -3.31
CA ALA C 232 -1.19 19.69 -2.93
C ALA C 232 -0.41 18.68 -3.75
N ALA C 233 -0.16 18.96 -5.02
CA ALA C 233 0.47 17.94 -5.85
C ALA C 233 1.90 17.66 -5.46
N THR C 234 2.57 18.55 -4.73
CA THR C 234 3.91 18.19 -4.29
C THR C 234 3.87 17.48 -2.95
N PHE C 235 3.22 18.09 -1.96
CA PHE C 235 3.19 17.43 -0.68
C PHE C 235 2.39 16.15 -0.73
N THR C 236 1.52 15.99 -1.72
CA THR C 236 0.84 14.72 -1.93
C THR C 236 1.82 13.65 -2.33
N LEU C 237 2.59 13.89 -3.38
CA LEU C 237 3.53 12.89 -3.84
C LEU C 237 4.46 12.45 -2.73
N ILE C 238 4.84 13.37 -1.84
CA ILE C 238 5.67 12.99 -0.70
C ILE C 238 4.83 12.32 0.38
N GLY C 239 3.79 13.00 0.83
CA GLY C 239 3.16 12.57 2.07
C GLY C 239 2.50 11.22 1.94
N VAL C 240 1.87 10.95 0.79
CA VAL C 240 1.08 9.73 0.71
C VAL C 240 1.98 8.53 0.84
N SER C 241 3.27 8.70 0.52
CA SER C 241 4.26 7.65 0.69
C SER C 241 4.87 7.63 2.07
N PHE C 242 4.76 8.71 2.82
CA PHE C 242 5.21 8.62 4.20
C PHE C 242 4.13 8.11 5.14
N PHE C 243 2.87 8.26 4.77
CA PHE C 243 1.82 7.67 5.58
C PHE C 243 1.70 6.18 5.35
N ALA C 244 2.28 5.66 4.27
CA ALA C 244 2.20 4.26 3.94
C ALA C 244 3.41 3.48 4.39
N LEU C 245 4.39 4.14 4.99
CA LEU C 245 5.57 3.43 5.48
C LEU C 245 5.19 2.47 6.60
N PRO C 246 4.66 2.92 7.72
CA PRO C 246 4.55 2.04 8.87
C PRO C 246 3.87 0.73 8.57
N ALA C 247 2.94 0.69 7.64
CA ALA C 247 2.45 -0.60 7.19
C ALA C 247 3.54 -1.37 6.48
N GLY C 248 4.36 -0.68 5.68
CA GLY C 248 5.42 -1.37 4.97
C GLY C 248 6.52 -1.85 5.88
N ILE C 249 6.87 -1.04 6.87
CA ILE C 249 7.93 -1.41 7.80
C ILE C 249 7.49 -2.57 8.66
N LEU C 250 6.30 -2.49 9.24
CA LEU C 250 5.84 -3.60 10.06
C LEU C 250 5.64 -4.85 9.23
N GLY C 251 5.18 -4.71 8.00
CA GLY C 251 5.01 -5.89 7.17
C GLY C 251 6.32 -6.62 6.94
N SER C 252 7.36 -5.88 6.56
CA SER C 252 8.66 -6.52 6.44
C SER C 252 9.16 -7.05 7.77
N GLY C 253 8.84 -6.36 8.87
CA GLY C 253 9.32 -6.82 10.15
C GLY C 253 8.75 -8.17 10.53
N PHE C 254 7.46 -8.35 10.33
CA PHE C 254 6.86 -9.64 10.61
C PHE C 254 7.47 -10.73 9.75
N ALA C 255 7.63 -10.47 8.46
CA ALA C 255 8.17 -11.52 7.59
C ALA C 255 9.60 -11.88 7.98
N LEU C 256 10.45 -10.88 8.19
CA LEU C 256 11.81 -11.17 8.60
C LEU C 256 11.84 -11.95 9.89
N LYS C 257 11.02 -11.55 10.85
CA LYS C 257 11.06 -12.23 12.13
C LYS C 257 10.62 -13.67 12.00
N VAL C 258 9.70 -13.97 11.09
CA VAL C 258 9.29 -15.37 10.98
C VAL C 258 10.37 -16.18 10.32
N GLN C 259 11.15 -15.59 9.42
CA GLN C 259 12.25 -16.33 8.83
C GLN C 259 13.28 -16.69 9.87
N GLU C 260 13.60 -15.75 10.76
CA GLU C 260 14.58 -16.05 11.81
C GLU C 260 14.06 -17.11 12.76
N GLN C 261 12.80 -17.01 13.19
CA GLN C 261 12.26 -18.06 14.03
C GLN C 261 12.19 -19.37 13.27
N HIS C 262 12.07 -19.30 11.95
CA HIS C 262 12.05 -20.50 11.15
C HIS C 262 13.35 -21.26 11.29
N ARG C 263 14.47 -20.62 10.96
CA ARG C 263 15.75 -21.31 11.01
C ARG C 263 16.10 -21.72 12.43
N GLN C 264 15.95 -20.79 13.37
CA GLN C 264 16.26 -21.11 14.76
C GLN C 264 15.53 -22.35 15.21
N LYS C 265 14.27 -22.52 14.81
CA LYS C 265 13.51 -23.68 15.23
C LYS C 265 13.90 -24.92 14.44
N HIS C 266 14.29 -24.75 13.18
CA HIS C 266 14.77 -25.90 12.41
C HIS C 266 15.96 -26.53 13.08
N PHE C 267 16.72 -25.76 13.86
CA PHE C 267 17.74 -26.36 14.71
C PHE C 267 17.14 -26.84 16.03
N GLU C 268 16.63 -25.91 16.83
CA GLU C 268 16.21 -26.21 18.19
C GLU C 268 14.72 -25.96 18.45
N ARG D 8 11.53 -42.97 -40.30
CA ARG D 8 10.33 -42.29 -39.84
C ARG D 8 9.98 -42.70 -38.42
N ASN D 9 10.93 -43.30 -37.73
CA ASN D 9 10.78 -43.66 -36.32
C ASN D 9 11.45 -42.65 -35.40
N ALA D 10 12.71 -42.31 -35.67
CA ALA D 10 13.39 -41.32 -34.85
C ALA D 10 12.76 -39.94 -34.98
N PHE D 11 12.18 -39.65 -36.15
CA PHE D 11 11.44 -38.40 -36.31
C PHE D 11 10.10 -38.50 -35.58
N TYR D 12 9.43 -39.63 -35.75
CA TYR D 12 8.27 -40.01 -34.96
C TYR D 12 8.54 -39.79 -33.48
N ARG D 13 9.63 -40.37 -32.99
CA ARG D 13 9.94 -40.37 -31.57
C ARG D 13 10.55 -39.06 -31.09
N LYS D 14 11.33 -38.39 -31.94
CA LYS D 14 11.85 -37.08 -31.56
C LYS D 14 10.72 -36.08 -31.36
N LEU D 15 9.91 -35.87 -32.40
CA LEU D 15 8.84 -34.89 -32.30
C LEU D 15 7.85 -35.26 -31.22
N GLN D 16 7.70 -36.54 -30.94
CA GLN D 16 6.93 -36.92 -29.76
C GLN D 16 7.54 -36.33 -28.51
N ASN D 17 8.86 -36.44 -28.35
CA ASN D 17 9.49 -35.91 -27.16
C ASN D 17 9.31 -34.40 -27.04
N PHE D 18 9.76 -33.65 -28.05
CA PHE D 18 9.71 -32.20 -27.93
C PHE D 18 8.29 -31.65 -27.91
N LEU D 19 7.34 -32.33 -28.55
CA LEU D 19 5.97 -31.85 -28.53
C LEU D 19 5.32 -32.04 -27.17
N TYR D 20 5.48 -33.22 -26.58
CA TYR D 20 4.95 -33.43 -25.24
C TYR D 20 5.84 -32.77 -24.19
N ASN D 21 6.92 -32.12 -24.64
CA ASN D 21 7.64 -31.11 -23.87
C ASN D 21 6.91 -29.77 -23.92
N VAL D 22 6.51 -29.34 -25.11
CA VAL D 22 5.89 -28.03 -25.28
C VAL D 22 4.45 -28.08 -24.78
N LEU D 23 3.66 -29.01 -25.32
CA LEU D 23 2.28 -29.13 -24.87
C LEU D 23 2.24 -29.44 -23.38
N GLU D 24 2.96 -30.47 -22.95
CA GLU D 24 3.07 -30.78 -21.53
C GLU D 24 4.07 -29.84 -20.86
N ARG D 25 4.53 -30.22 -19.67
CA ARG D 25 5.37 -29.35 -18.86
C ARG D 25 6.43 -28.65 -19.70
N PRO D 26 6.24 -27.37 -19.96
CA PRO D 26 7.07 -26.64 -20.92
C PRO D 26 8.25 -25.96 -20.26
N ARG D 27 9.35 -25.86 -21.01
CA ARG D 27 10.62 -25.42 -20.46
C ARG D 27 11.08 -24.09 -21.05
N GLY D 28 11.23 -24.02 -22.36
CA GLY D 28 11.90 -22.91 -23.01
C GLY D 28 11.01 -22.01 -23.81
N TRP D 29 10.90 -22.30 -25.11
CA TRP D 29 10.06 -21.52 -26.00
C TRP D 29 8.62 -21.99 -26.01
N ALA D 30 8.30 -23.04 -25.25
CA ALA D 30 6.91 -23.46 -25.13
C ALA D 30 6.08 -22.45 -24.35
N PHE D 31 6.74 -21.59 -23.56
CA PHE D 31 6.01 -20.51 -22.92
C PHE D 31 5.48 -19.52 -23.94
N ILE D 32 6.08 -19.44 -25.13
CA ILE D 32 5.50 -18.64 -26.19
C ILE D 32 4.12 -19.17 -26.54
N TYR D 33 4.02 -20.47 -26.83
CA TYR D 33 2.74 -21.05 -27.19
C TYR D 33 1.74 -20.95 -26.07
N HIS D 34 2.17 -21.17 -24.84
CA HIS D 34 1.21 -21.11 -23.76
C HIS D 34 0.73 -19.68 -23.52
N ALA D 35 1.58 -18.68 -23.78
CA ALA D 35 1.12 -17.30 -23.72
C ALA D 35 0.13 -16.97 -24.84
N TYR D 36 0.40 -17.43 -26.07
CA TYR D 36 -0.48 -17.07 -27.16
C TYR D 36 -1.83 -17.78 -27.06
N VAL D 37 -1.86 -19.00 -26.53
CA VAL D 37 -3.16 -19.62 -26.32
C VAL D 37 -3.90 -18.89 -25.22
N PHE D 38 -3.18 -18.38 -24.23
CA PHE D 38 -3.82 -17.51 -23.24
C PHE D 38 -4.40 -16.26 -23.89
N LEU D 39 -3.72 -15.73 -24.90
CA LEU D 39 -4.24 -14.54 -25.55
C LEU D 39 -5.54 -14.83 -26.28
N LEU D 40 -5.64 -15.97 -26.95
CA LEU D 40 -6.87 -16.22 -27.68
C LEU D 40 -8.05 -16.42 -26.75
N VAL D 41 -7.88 -17.20 -25.69
CA VAL D 41 -8.97 -17.35 -24.74
C VAL D 41 -9.31 -16.03 -24.07
N PHE D 42 -8.30 -15.23 -23.77
CA PHE D 42 -8.52 -13.97 -23.08
C PHE D 42 -9.28 -12.99 -23.96
N SER D 43 -8.79 -12.76 -25.18
CA SER D 43 -9.48 -11.84 -26.08
C SER D 43 -10.87 -12.33 -26.44
N CYS D 44 -11.08 -13.64 -26.47
CA CYS D 44 -12.44 -14.12 -26.65
C CYS D 44 -13.34 -13.73 -25.48
N LEU D 45 -12.79 -13.71 -24.27
CA LEU D 45 -13.60 -13.26 -23.13
C LEU D 45 -13.90 -11.77 -23.24
N VAL D 46 -12.92 -10.98 -23.67
CA VAL D 46 -13.13 -9.54 -23.77
C VAL D 46 -14.23 -9.23 -24.78
N LEU D 47 -14.15 -9.80 -25.98
CA LEU D 47 -15.23 -9.56 -26.92
C LEU D 47 -16.56 -10.03 -26.36
N SER D 48 -16.56 -11.05 -25.53
CA SER D 48 -17.80 -11.41 -24.86
C SER D 48 -18.31 -10.27 -23.99
N VAL D 49 -17.42 -9.46 -23.41
CA VAL D 49 -17.87 -8.31 -22.64
C VAL D 49 -18.38 -7.21 -23.55
N PHE D 50 -17.73 -6.98 -24.69
CA PHE D 50 -18.22 -5.98 -25.61
C PHE D 50 -19.62 -6.30 -26.10
N SER D 51 -20.00 -7.57 -26.08
CA SER D 51 -21.37 -7.93 -26.40
C SER D 51 -22.39 -7.25 -25.49
N THR D 52 -21.98 -6.85 -24.29
CA THR D 52 -22.93 -6.28 -23.34
C THR D 52 -23.41 -4.90 -23.76
N ILE D 53 -22.54 -4.09 -24.34
CA ILE D 53 -22.93 -2.73 -24.74
C ILE D 53 -23.84 -2.81 -25.96
N LYS D 54 -25.10 -2.42 -25.78
CA LYS D 54 -26.06 -2.52 -26.88
C LYS D 54 -25.75 -1.54 -28.00
N GLU D 55 -24.92 -0.53 -27.74
CA GLU D 55 -24.58 0.45 -28.77
C GLU D 55 -23.53 -0.11 -29.74
N TYR D 56 -22.70 -1.04 -29.27
CA TYR D 56 -21.74 -1.76 -30.11
C TYR D 56 -21.94 -3.26 -30.00
N GLU D 57 -23.10 -3.68 -29.51
CA GLU D 57 -23.40 -5.10 -29.39
C GLU D 57 -23.30 -5.80 -30.74
N LYS D 58 -23.92 -5.22 -31.77
CA LYS D 58 -23.97 -5.90 -33.07
C LYS D 58 -22.59 -5.99 -33.73
N SER D 59 -21.80 -4.93 -33.65
CA SER D 59 -20.47 -4.97 -34.26
C SER D 59 -19.59 -6.02 -33.58
N SER D 60 -19.50 -5.96 -32.25
CA SER D 60 -18.68 -6.94 -31.55
C SER D 60 -19.20 -8.34 -31.79
N GLU D 61 -20.51 -8.53 -31.72
CA GLU D 61 -21.08 -9.86 -31.92
C GLU D 61 -20.70 -10.42 -33.28
N GLY D 62 -20.66 -9.54 -34.28
CA GLY D 62 -20.18 -9.92 -35.60
C GLY D 62 -18.80 -10.53 -35.52
N ALA D 63 -17.83 -9.79 -34.99
CA ALA D 63 -16.48 -10.33 -34.90
C ALA D 63 -16.39 -11.48 -33.91
N LEU D 64 -17.28 -11.56 -32.93
CA LEU D 64 -17.11 -12.52 -31.86
C LEU D 64 -17.49 -13.93 -32.28
N TYR D 65 -18.54 -14.11 -33.09
CA TYR D 65 -18.77 -15.46 -33.60
C TYR D 65 -17.58 -15.96 -34.43
N ILE D 66 -16.93 -15.05 -35.15
CA ILE D 66 -15.77 -15.44 -35.95
C ILE D 66 -14.63 -15.90 -35.05
N LEU D 67 -14.24 -15.07 -34.08
CA LEU D 67 -13.17 -15.49 -33.17
C LEU D 67 -13.60 -16.71 -32.37
N GLU D 68 -14.91 -16.89 -32.18
CA GLU D 68 -15.41 -18.13 -31.63
C GLU D 68 -15.10 -19.30 -32.56
N ILE D 69 -15.18 -19.05 -33.86
CA ILE D 69 -14.83 -20.08 -34.84
C ILE D 69 -13.40 -20.54 -34.60
N VAL D 70 -12.47 -19.59 -34.60
CA VAL D 70 -11.06 -19.93 -34.47
C VAL D 70 -10.79 -20.59 -33.13
N THR D 71 -11.41 -20.11 -32.06
CA THR D 71 -11.11 -20.67 -30.75
C THR D 71 -11.59 -22.11 -30.64
N ILE D 72 -12.74 -22.43 -31.21
CA ILE D 72 -13.19 -23.82 -31.17
C ILE D 72 -12.24 -24.69 -31.99
N VAL D 73 -11.81 -24.20 -33.15
CA VAL D 73 -10.89 -24.99 -33.98
C VAL D 73 -9.55 -25.17 -33.27
N VAL D 74 -9.04 -24.11 -32.64
CA VAL D 74 -7.76 -24.19 -31.96
C VAL D 74 -7.79 -25.25 -30.88
N PHE D 75 -8.79 -25.22 -30.02
CA PHE D 75 -8.75 -26.15 -28.90
C PHE D 75 -9.15 -27.55 -29.32
N GLY D 76 -9.97 -27.68 -30.37
CA GLY D 76 -10.18 -29.01 -30.93
C GLY D 76 -8.88 -29.65 -31.36
N VAL D 77 -8.06 -28.90 -32.11
CA VAL D 77 -6.80 -29.47 -32.58
C VAL D 77 -5.82 -29.66 -31.43
N GLU D 78 -5.85 -28.78 -30.43
CA GLU D 78 -4.97 -28.93 -29.27
C GLU D 78 -5.30 -30.22 -28.53
N TYR D 79 -6.59 -30.48 -28.34
CA TYR D 79 -7.03 -31.72 -27.73
C TYR D 79 -6.51 -32.91 -28.52
N PHE D 80 -6.71 -32.90 -29.84
CA PHE D 80 -6.19 -33.96 -30.70
C PHE D 80 -4.68 -34.10 -30.53
N VAL D 81 -3.95 -33.00 -30.69
CA VAL D 81 -2.50 -33.08 -30.77
C VAL D 81 -1.91 -33.54 -29.44
N ARG D 82 -2.47 -33.08 -28.32
CA ARG D 82 -1.92 -33.53 -27.06
C ARG D 82 -2.17 -35.02 -26.87
N ILE D 83 -3.36 -35.50 -27.26
CA ILE D 83 -3.61 -36.93 -27.07
C ILE D 83 -2.62 -37.74 -27.89
N TRP D 84 -2.22 -37.25 -29.06
CA TRP D 84 -1.25 -38.00 -29.85
C TRP D 84 0.13 -37.92 -29.21
N ALA D 85 0.62 -36.72 -28.95
CA ALA D 85 1.97 -36.57 -28.45
C ALA D 85 2.11 -37.06 -27.02
N ALA D 86 1.02 -37.50 -26.41
CA ALA D 86 1.09 -38.10 -25.08
C ALA D 86 1.73 -39.48 -25.10
N GLY D 87 2.16 -39.98 -26.26
CA GLY D 87 2.88 -41.25 -26.30
C GLY D 87 4.21 -41.20 -25.58
N CYS D 88 4.73 -40.00 -25.33
CA CYS D 88 6.02 -39.87 -24.66
C CYS D 88 5.99 -40.37 -23.23
N CYS D 89 4.80 -40.56 -22.64
CA CYS D 89 4.75 -41.02 -21.26
C CYS D 89 5.21 -42.47 -21.19
N CYS D 90 6.25 -42.71 -20.40
CA CYS D 90 6.78 -44.07 -20.27
C CYS D 90 5.76 -45.00 -19.63
N ARG D 91 4.79 -44.46 -18.89
CA ARG D 91 3.69 -45.25 -18.34
C ARG D 91 2.50 -45.36 -19.27
N TYR D 92 2.31 -44.36 -20.14
CA TYR D 92 1.17 -44.32 -21.05
C TYR D 92 1.73 -44.44 -22.46
N ARG D 93 1.64 -45.63 -23.04
CA ARG D 93 2.36 -45.95 -24.26
C ARG D 93 1.47 -46.71 -25.23
N GLY D 94 1.30 -46.18 -26.44
CA GLY D 94 0.51 -46.85 -27.47
C GLY D 94 -0.97 -46.96 -27.16
N TRP D 95 -1.49 -48.18 -27.30
CA TRP D 95 -2.89 -48.48 -27.05
C TRP D 95 -3.39 -48.02 -25.69
N ARG D 96 -2.91 -48.66 -24.62
CA ARG D 96 -3.56 -48.49 -23.34
C ARG D 96 -3.32 -47.10 -22.78
N GLY D 97 -2.10 -46.60 -22.93
CA GLY D 97 -1.83 -45.23 -22.51
C GLY D 97 -2.72 -44.24 -23.21
N ARG D 98 -2.55 -44.07 -24.52
CA ARG D 98 -3.30 -43.03 -25.20
C ARG D 98 -4.79 -43.29 -25.15
N LEU D 99 -5.20 -44.54 -24.92
CA LEU D 99 -6.60 -44.86 -24.69
C LEU D 99 -7.05 -44.61 -23.26
N LYS D 100 -6.13 -44.37 -22.34
CA LYS D 100 -6.45 -44.02 -20.96
C LYS D 100 -6.02 -42.63 -20.54
N PHE D 101 -5.13 -42.00 -21.30
CA PHE D 101 -4.60 -40.71 -20.91
C PHE D 101 -5.69 -39.64 -20.91
N ALA D 102 -6.64 -39.75 -21.84
CA ALA D 102 -7.76 -38.83 -21.86
C ALA D 102 -8.72 -39.07 -20.71
N ARG D 103 -8.38 -40.00 -19.82
CA ARG D 103 -9.17 -40.32 -18.64
C ARG D 103 -8.69 -39.58 -17.39
N LYS D 104 -7.71 -38.69 -17.55
CA LYS D 104 -7.27 -37.87 -16.45
C LYS D 104 -8.39 -36.93 -16.01
N PRO D 105 -8.36 -36.47 -14.75
CA PRO D 105 -9.47 -35.62 -14.29
C PRO D 105 -9.57 -34.32 -15.07
N PHE D 106 -8.46 -33.59 -15.13
CA PHE D 106 -8.45 -32.32 -15.84
C PHE D 106 -8.77 -32.51 -17.32
N CYS D 107 -8.32 -33.62 -17.90
CA CYS D 107 -8.50 -33.81 -19.33
C CYS D 107 -9.98 -34.02 -19.67
N VAL D 108 -10.70 -34.75 -18.83
CA VAL D 108 -12.09 -35.05 -19.13
C VAL D 108 -12.97 -33.83 -18.89
N ILE D 109 -12.71 -33.07 -17.83
CA ILE D 109 -13.41 -31.81 -17.67
C ILE D 109 -13.06 -30.87 -18.81
N ASP D 110 -11.83 -30.95 -19.31
CA ASP D 110 -11.41 -30.11 -20.41
C ASP D 110 -12.14 -30.47 -21.70
N ILE D 111 -12.33 -31.76 -21.94
CA ILE D 111 -13.06 -32.17 -23.14
C ILE D 111 -14.54 -31.83 -22.99
N MET D 112 -15.06 -31.88 -21.78
CA MET D 112 -16.45 -31.47 -21.54
C MET D 112 -16.64 -29.99 -21.84
N VAL D 113 -15.72 -29.17 -21.32
CA VAL D 113 -15.77 -27.74 -21.64
C VAL D 113 -15.59 -27.52 -23.13
N LEU D 114 -14.74 -28.31 -23.76
CA LEU D 114 -14.54 -28.14 -25.19
C LEU D 114 -15.78 -28.55 -25.97
N ILE D 115 -16.43 -29.64 -25.57
CA ILE D 115 -17.61 -30.08 -26.30
C ILE D 115 -18.75 -29.10 -26.11
N ALA D 116 -18.87 -28.49 -24.93
CA ALA D 116 -19.83 -27.43 -24.78
C ALA D 116 -19.52 -26.29 -25.74
N SER D 117 -18.23 -25.99 -25.91
CA SER D 117 -17.83 -25.03 -26.93
C SER D 117 -18.26 -25.48 -28.31
N ILE D 118 -18.23 -26.79 -28.56
CA ILE D 118 -18.55 -27.30 -29.88
C ILE D 118 -20.04 -27.13 -30.17
N ALA D 119 -20.89 -27.52 -29.22
CA ALA D 119 -22.32 -27.50 -29.45
C ALA D 119 -22.84 -26.07 -29.52
N VAL D 120 -22.28 -25.18 -28.71
CA VAL D 120 -22.78 -23.81 -28.66
C VAL D 120 -22.68 -23.13 -30.01
N LEU D 121 -21.74 -23.54 -30.85
CA LEU D 121 -21.70 -23.03 -32.21
C LEU D 121 -22.47 -23.92 -33.17
N ALA D 122 -23.04 -25.02 -32.67
CA ALA D 122 -23.81 -25.94 -33.51
C ALA D 122 -25.29 -25.86 -33.19
N SER D 133 -30.20 -17.14 -24.49
CA SER D 133 -29.69 -17.64 -23.22
C SER D 133 -28.34 -18.33 -23.40
N ALA D 134 -27.89 -18.44 -24.66
CA ALA D 134 -26.69 -19.22 -24.96
C ALA D 134 -25.42 -18.52 -24.48
N LEU D 135 -25.43 -17.20 -24.44
CA LEU D 135 -24.21 -16.46 -24.18
C LEU D 135 -23.74 -16.64 -22.74
N ARG D 136 -24.67 -16.90 -21.82
CA ARG D 136 -24.28 -17.26 -20.47
C ARG D 136 -23.36 -18.48 -20.50
N SER D 137 -23.73 -19.48 -21.29
CA SER D 137 -22.91 -20.67 -21.42
C SER D 137 -21.52 -20.34 -21.97
N LEU D 138 -21.45 -19.46 -22.97
CA LEU D 138 -20.13 -19.21 -23.56
C LEU D 138 -19.25 -18.35 -22.68
N ARG D 139 -19.83 -17.45 -21.90
CA ARG D 139 -19.03 -16.68 -20.97
C ARG D 139 -18.44 -17.59 -19.91
N PHE D 140 -19.24 -18.54 -19.43
CA PHE D 140 -18.74 -19.45 -18.40
C PHE D 140 -17.67 -20.39 -18.95
N LEU D 141 -17.89 -20.94 -20.14
CA LEU D 141 -16.89 -21.88 -20.63
C LEU D 141 -15.56 -21.18 -20.88
N GLN D 142 -15.63 -19.91 -21.28
CA GLN D 142 -14.42 -19.12 -21.48
C GLN D 142 -13.66 -18.98 -20.16
N ILE D 143 -14.41 -18.71 -19.09
CA ILE D 143 -13.84 -18.63 -17.75
C ILE D 143 -13.14 -19.94 -17.40
N LEU D 144 -13.77 -21.06 -17.72
CA LEU D 144 -13.11 -22.33 -17.44
C LEU D 144 -11.91 -22.56 -18.32
N ARG D 145 -11.79 -21.89 -19.46
CA ARG D 145 -10.52 -21.92 -20.17
C ARG D 145 -9.44 -21.21 -19.38
N MET D 146 -9.76 -20.06 -18.80
CA MET D 146 -8.81 -19.36 -17.95
C MET D 146 -8.38 -20.22 -16.77
N ILE D 147 -9.37 -20.70 -16.00
CA ILE D 147 -9.07 -21.59 -14.88
C ILE D 147 -8.47 -22.89 -15.37
N ARG D 148 -8.69 -23.24 -16.63
CA ARG D 148 -8.03 -24.39 -17.22
C ARG D 148 -6.55 -24.15 -17.37
N MET D 149 -6.11 -22.89 -17.26
CA MET D 149 -4.68 -22.61 -17.35
C MET D 149 -3.87 -23.44 -16.37
N ASP D 150 -4.44 -23.81 -15.23
CA ASP D 150 -3.64 -24.40 -14.16
C ASP D 150 -3.33 -25.85 -14.46
N ARG D 151 -4.34 -26.71 -14.41
CA ARG D 151 -4.16 -28.14 -14.63
C ARG D 151 -3.45 -28.79 -13.45
N ARG D 152 -2.97 -27.98 -12.51
CA ARG D 152 -2.25 -28.51 -11.36
C ARG D 152 -2.57 -27.82 -10.05
N GLY D 153 -3.18 -26.64 -10.05
CA GLY D 153 -3.32 -25.91 -8.82
C GLY D 153 -2.02 -25.43 -8.26
N GLY D 154 -1.03 -25.18 -9.12
CA GLY D 154 0.25 -24.72 -8.62
C GLY D 154 0.15 -23.39 -7.93
N THR D 155 -0.62 -22.46 -8.52
CA THR D 155 -0.79 -21.15 -7.90
C THR D 155 -1.47 -21.28 -6.55
N TRP D 156 -2.49 -22.13 -6.45
CA TRP D 156 -3.14 -22.34 -5.18
C TRP D 156 -2.18 -22.95 -4.18
N LYS D 157 -1.31 -23.85 -4.63
CA LYS D 157 -0.35 -24.45 -3.72
C LYS D 157 0.61 -23.40 -3.19
N LEU D 158 1.13 -22.56 -4.07
CA LEU D 158 2.09 -21.57 -3.63
C LEU D 158 1.46 -20.59 -2.64
N LEU D 159 0.26 -20.12 -2.94
CA LEU D 159 -0.38 -19.19 -2.03
C LEU D 159 -0.67 -19.83 -0.69
N GLY D 160 -1.12 -21.08 -0.70
CA GLY D 160 -1.42 -21.74 0.55
C GLY D 160 -0.18 -21.95 1.39
N SER D 161 0.95 -22.24 0.75
CA SER D 161 2.17 -22.42 1.52
C SER D 161 2.55 -21.14 2.24
N VAL D 162 2.56 -20.02 1.52
CA VAL D 162 3.01 -18.79 2.17
C VAL D 162 1.99 -18.27 3.16
N VAL D 163 0.70 -18.49 2.91
CA VAL D 163 -0.29 -18.12 3.91
C VAL D 163 -0.12 -18.99 5.15
N TYR D 164 0.27 -20.25 4.96
CA TYR D 164 0.43 -21.12 6.12
C TYR D 164 1.64 -20.72 6.94
N ALA D 165 2.73 -20.36 6.28
CA ALA D 165 3.96 -20.11 7.02
C ALA D 165 3.82 -18.92 7.95
N HIS D 166 2.98 -17.94 7.61
CA HIS D 166 2.87 -16.71 8.37
C HIS D 166 1.56 -16.63 9.15
N SER D 167 1.05 -17.75 9.62
CA SER D 167 -0.28 -17.73 10.18
C SER D 167 -0.36 -16.91 11.45
N LYS D 168 0.71 -16.87 12.24
CA LYS D 168 0.64 -16.14 13.49
C LYS D 168 0.70 -14.64 13.25
N GLU D 169 1.59 -14.18 12.37
CA GLU D 169 1.64 -12.75 12.10
C GLU D 169 0.35 -12.27 11.45
N LEU D 170 -0.16 -13.03 10.48
CA LEU D 170 -1.39 -12.63 9.82
C LEU D 170 -2.54 -12.55 10.80
N VAL D 171 -2.79 -13.64 11.52
CA VAL D 171 -3.93 -13.65 12.42
C VAL D 171 -3.80 -12.56 13.47
N THR D 172 -2.58 -12.16 13.80
CA THR D 172 -2.42 -10.95 14.59
C THR D 172 -3.02 -9.75 13.87
N ALA D 173 -2.75 -9.63 12.58
CA ALA D 173 -3.25 -8.47 11.85
C ALA D 173 -4.76 -8.56 11.66
N TRP D 174 -5.29 -9.74 11.38
CA TRP D 174 -6.73 -9.86 11.17
C TRP D 174 -7.50 -9.62 12.45
N TYR D 175 -6.98 -10.08 13.57
CA TYR D 175 -7.67 -9.83 14.83
C TYR D 175 -7.63 -8.36 15.18
N ILE D 176 -6.46 -7.73 15.12
CA ILE D 176 -6.38 -6.35 15.60
C ILE D 176 -7.05 -5.41 14.62
N GLY D 177 -6.98 -5.69 13.33
CA GLY D 177 -7.70 -4.85 12.38
C GLY D 177 -9.19 -4.98 12.55
N PHE D 178 -9.68 -6.20 12.74
CA PHE D 178 -11.10 -6.40 12.92
C PHE D 178 -11.61 -5.67 14.14
N LEU D 179 -10.86 -5.70 15.24
CA LEU D 179 -11.29 -4.95 16.40
C LEU D 179 -11.36 -3.47 16.10
N CYS D 180 -10.35 -2.93 15.42
CA CYS D 180 -10.35 -1.50 15.15
C CYS D 180 -11.53 -1.11 14.29
N LEU D 181 -11.90 -1.96 13.34
CA LEU D 181 -13.11 -1.72 12.56
C LEU D 181 -14.32 -1.60 13.45
N ILE D 182 -14.61 -2.64 14.23
CA ILE D 182 -15.81 -2.61 15.02
C ILE D 182 -15.81 -1.45 15.99
N LEU D 183 -14.66 -1.16 16.57
CA LEU D 183 -14.62 -0.07 17.53
C LEU D 183 -14.87 1.27 16.87
N ALA D 184 -14.14 1.59 15.81
CA ALA D 184 -14.28 2.90 15.20
C ALA D 184 -15.66 3.09 14.63
N SER D 185 -16.20 2.05 14.00
CA SER D 185 -17.55 2.16 13.47
C SER D 185 -18.55 2.44 14.57
N PHE D 186 -18.39 1.80 15.72
CA PHE D 186 -19.36 2.04 16.77
C PHE D 186 -19.25 3.45 17.33
N LEU D 187 -18.02 3.92 17.57
CA LEU D 187 -17.88 5.27 18.11
C LEU D 187 -18.46 6.31 17.18
N VAL D 188 -18.10 6.24 15.90
CA VAL D 188 -18.62 7.19 14.94
C VAL D 188 -20.13 7.10 14.87
N TYR D 189 -20.68 5.91 14.99
CA TYR D 189 -22.13 5.77 14.98
C TYR D 189 -22.74 6.52 16.14
N LEU D 190 -22.12 6.46 17.31
CA LEU D 190 -22.69 7.16 18.45
C LEU D 190 -22.61 8.66 18.27
N ALA D 191 -21.47 9.16 17.79
CA ALA D 191 -21.28 10.59 17.69
C ALA D 191 -22.10 11.22 16.56
N GLU D 192 -22.48 10.45 15.57
CA GLU D 192 -23.14 10.99 14.39
C GLU D 192 -24.37 10.20 14.04
N LYS D 193 -25.16 9.82 15.04
CA LYS D 193 -26.41 9.15 14.76
C LYS D 193 -27.59 10.11 14.68
N GLY D 194 -27.50 11.24 15.36
CA GLY D 194 -28.61 12.17 15.39
C GLY D 194 -28.52 13.27 14.35
N GLU D 195 -27.33 13.80 14.13
CA GLU D 195 -27.15 14.96 13.28
C GLU D 195 -26.75 14.60 11.85
N ASN D 196 -27.01 13.36 11.42
CA ASN D 196 -26.59 12.97 10.09
C ASN D 196 -27.48 11.85 9.56
N ASP D 197 -27.70 11.88 8.25
CA ASP D 197 -28.53 10.87 7.60
C ASP D 197 -27.72 9.74 7.01
N HIS D 198 -26.42 9.91 6.85
CA HIS D 198 -25.58 8.80 6.43
C HIS D 198 -25.66 7.67 7.43
N PHE D 199 -25.39 7.97 8.70
CA PHE D 199 -25.31 6.98 9.76
C PHE D 199 -26.67 6.87 10.41
N ASP D 200 -27.51 6.00 9.87
CA ASP D 200 -28.84 5.78 10.39
C ASP D 200 -28.92 4.58 11.29
N THR D 201 -28.22 3.50 10.94
CA THR D 201 -28.24 2.27 11.71
C THR D 201 -26.81 1.78 11.81
N TYR D 202 -26.61 0.77 12.66
CA TYR D 202 -25.25 0.29 12.81
C TYR D 202 -24.73 -0.24 11.49
N ALA D 203 -25.58 -0.87 10.71
CA ALA D 203 -25.10 -1.47 9.47
C ALA D 203 -24.53 -0.42 8.54
N ASP D 204 -25.06 0.80 8.59
CA ASP D 204 -24.45 1.85 7.79
C ASP D 204 -23.10 2.25 8.36
N ALA D 205 -22.99 2.33 9.67
CA ALA D 205 -21.70 2.69 10.24
C ALA D 205 -20.66 1.64 9.91
N LEU D 206 -21.06 0.37 9.80
CA LEU D 206 -20.10 -0.64 9.42
C LEU D 206 -19.71 -0.52 7.95
N TRP D 207 -20.66 -0.21 7.08
CA TRP D 207 -20.27 0.00 5.69
C TRP D 207 -19.29 1.15 5.59
N TRP D 208 -19.52 2.22 6.34
CA TRP D 208 -18.60 3.33 6.32
C TRP D 208 -17.24 2.96 6.86
N GLY D 209 -17.21 2.22 7.97
CA GLY D 209 -15.93 1.83 8.52
C GLY D 209 -15.17 0.91 7.59
N LEU D 210 -15.86 -0.03 6.99
CA LEU D 210 -15.17 -0.98 6.15
C LEU D 210 -14.65 -0.31 4.89
N ILE D 211 -15.28 0.76 4.45
CA ILE D 211 -14.88 1.42 3.21
C ILE D 211 -13.88 2.54 3.43
N THR D 212 -13.74 3.05 4.64
CA THR D 212 -12.62 3.95 4.84
C THR D 212 -11.36 3.19 5.20
N LEU D 213 -11.48 2.17 6.03
CA LEU D 213 -10.29 1.49 6.52
C LEU D 213 -9.54 0.80 5.40
N THR D 214 -10.21 0.38 4.36
CA THR D 214 -9.47 -0.11 3.21
C THR D 214 -9.02 1.01 2.31
N THR D 215 -9.25 2.26 2.70
CA THR D 215 -8.86 3.42 1.93
C THR D 215 -9.51 3.44 0.55
N ILE D 216 -10.67 2.81 0.39
CA ILE D 216 -11.43 3.02 -0.84
C ILE D 216 -12.05 4.40 -0.83
N GLY D 217 -12.88 4.67 0.17
CA GLY D 217 -13.43 5.99 0.32
C GLY D 217 -14.26 6.40 -0.86
N TYR D 218 -15.43 5.80 -1.00
CA TYR D 218 -16.28 6.15 -2.12
C TYR D 218 -16.71 7.60 -2.03
N GLY D 219 -17.03 8.05 -0.82
CA GLY D 219 -17.48 9.40 -0.59
C GLY D 219 -18.96 9.50 -0.37
N ASP D 220 -19.67 8.36 -0.41
CA ASP D 220 -21.11 8.38 -0.19
C ASP D 220 -21.47 8.53 1.27
N LYS D 221 -20.60 8.11 2.18
CA LYS D 221 -20.82 8.29 3.61
C LYS D 221 -19.54 8.84 4.22
N TYR D 222 -19.63 10.03 4.81
CA TYR D 222 -18.51 10.62 5.51
C TYR D 222 -19.05 11.34 6.73
N PRO D 223 -18.29 11.41 7.80
CA PRO D 223 -18.76 12.10 8.98
C PRO D 223 -18.67 13.60 8.82
N GLN D 224 -19.64 14.30 9.41
CA GLN D 224 -19.76 15.74 9.19
C GLN D 224 -19.85 16.57 10.46
N THR D 225 -19.81 15.95 11.63
CA THR D 225 -19.74 16.69 12.87
C THR D 225 -18.35 16.52 13.46
N TRP D 226 -17.83 17.56 14.11
CA TRP D 226 -16.43 17.52 14.49
C TRP D 226 -16.15 16.40 15.48
N ASN D 227 -17.17 15.84 16.12
CA ASN D 227 -16.94 14.65 16.92
C ASN D 227 -16.69 13.43 16.04
N GLY D 228 -17.46 13.27 14.98
CA GLY D 228 -17.21 12.16 14.08
C GLY D 228 -15.88 12.30 13.39
N ARG D 229 -15.51 13.51 12.99
CA ARG D 229 -14.22 13.70 12.36
C ARG D 229 -13.09 13.41 13.32
N LEU D 230 -13.30 13.73 14.59
CA LEU D 230 -12.24 13.57 15.57
C LEU D 230 -12.02 12.10 15.92
N LEU D 231 -13.11 11.33 16.03
CA LEU D 231 -12.95 9.93 16.37
C LEU D 231 -12.51 9.11 15.17
N ALA D 232 -13.05 9.41 13.99
CA ALA D 232 -12.54 8.74 12.80
C ALA D 232 -11.07 9.03 12.62
N ALA D 233 -10.62 10.24 12.94
CA ALA D 233 -9.23 10.56 12.63
C ALA D 233 -8.24 9.79 13.47
N THR D 234 -8.64 9.22 14.60
CA THR D 234 -7.68 8.40 15.33
C THR D 234 -7.74 6.96 14.86
N PHE D 235 -8.93 6.37 14.87
CA PHE D 235 -8.99 4.99 14.44
C PHE D 235 -8.67 4.85 12.98
N THR D 236 -8.78 5.92 12.20
CA THR D 236 -8.33 5.89 10.82
C THR D 236 -6.83 5.73 10.75
N LEU D 237 -6.09 6.60 11.42
CA LEU D 237 -4.64 6.52 11.36
C LEU D 237 -4.15 5.15 11.77
N ILE D 238 -4.83 4.50 12.73
CA ILE D 238 -4.45 3.15 13.10
C ILE D 238 -4.96 2.14 12.08
N GLY D 239 -6.26 2.16 11.84
CA GLY D 239 -6.86 1.03 11.15
C GLY D 239 -6.37 0.91 9.73
N VAL D 240 -6.19 2.03 9.03
CA VAL D 240 -5.89 1.94 7.62
C VAL D 240 -4.56 1.26 7.42
N SER D 241 -3.69 1.31 8.45
CA SER D 241 -2.41 0.62 8.42
C SER D 241 -2.50 -0.81 8.91
N PHE D 242 -3.55 -1.17 9.62
CA PHE D 242 -3.70 -2.58 9.94
C PHE D 242 -4.44 -3.35 8.86
N PHE D 243 -5.23 -2.68 8.04
CA PHE D 243 -5.84 -3.36 6.92
C PHE D 243 -4.86 -3.55 5.77
N ALA D 244 -3.75 -2.84 5.78
CA ALA D 244 -2.77 -2.92 4.72
C ALA D 244 -1.63 -3.84 5.06
N LEU D 245 -1.62 -4.42 6.25
CA LEU D 245 -0.56 -5.36 6.61
C LEU D 245 -0.59 -6.59 5.73
N PRO D 246 -1.65 -7.38 5.72
CA PRO D 246 -1.57 -8.68 5.07
C PRO D 246 -1.06 -8.63 3.65
N ALA D 247 -1.30 -7.56 2.92
CA ALA D 247 -0.63 -7.41 1.65
C ALA D 247 0.86 -7.22 1.86
N GLY D 248 1.25 -6.47 2.89
CA GLY D 248 2.66 -6.25 3.12
C GLY D 248 3.37 -7.49 3.61
N ILE D 249 2.71 -8.25 4.47
CA ILE D 249 3.31 -9.47 5.01
C ILE D 249 3.46 -10.50 3.92
N LEU D 250 2.40 -10.75 3.16
CA LEU D 250 2.52 -11.73 2.10
C LEU D 250 3.51 -11.27 1.04
N GLY D 251 3.57 -9.99 0.75
CA GLY D 251 4.53 -9.52 -0.23
C GLY D 251 5.96 -9.82 0.18
N SER D 252 6.31 -9.48 1.42
CA SER D 252 7.63 -9.86 1.90
C SER D 252 7.81 -11.36 1.94
N GLY D 253 6.75 -12.11 2.24
CA GLY D 253 6.89 -13.54 2.33
C GLY D 253 7.26 -14.16 0.99
N PHE D 254 6.59 -13.73 -0.06
CA PHE D 254 6.93 -14.24 -1.38
C PHE D 254 8.36 -13.89 -1.75
N ALA D 255 8.78 -12.65 -1.51
CA ALA D 255 10.13 -12.28 -1.90
C ALA D 255 11.17 -13.07 -1.12
N LEU D 256 11.01 -13.16 0.20
CA LEU D 256 11.95 -13.94 0.98
C LEU D 256 12.01 -15.38 0.52
N LYS D 257 10.85 -15.97 0.25
CA LYS D 257 10.85 -17.36 -0.14
C LYS D 257 11.54 -17.56 -1.46
N VAL D 258 11.46 -16.59 -2.37
CA VAL D 258 12.14 -16.80 -3.64
C VAL D 258 13.63 -16.67 -3.47
N GLN D 259 14.09 -15.84 -2.54
CA GLN D 259 15.52 -15.75 -2.31
C GLN D 259 16.06 -17.07 -1.77
N GLU D 260 15.33 -17.69 -0.85
CA GLU D 260 15.79 -18.98 -0.32
C GLU D 260 15.78 -20.05 -1.38
N GLN D 261 14.73 -20.13 -2.19
CA GLN D 261 14.75 -21.10 -3.28
C GLN D 261 15.83 -20.76 -4.28
N HIS D 262 16.19 -19.49 -4.37
CA HIS D 262 17.26 -19.09 -5.26
C HIS D 262 18.56 -19.74 -4.86
N ARG D 263 19.01 -19.50 -3.63
CA ARG D 263 20.29 -20.03 -3.20
C ARG D 263 20.27 -21.55 -3.18
N GLN D 264 19.22 -22.12 -2.58
CA GLN D 264 19.12 -23.58 -2.53
C GLN D 264 19.28 -24.19 -3.90
N LYS D 265 18.70 -23.58 -4.93
CA LYS D 265 18.80 -24.14 -6.26
C LYS D 265 20.16 -23.85 -6.89
N HIS D 266 20.76 -22.72 -6.55
CA HIS D 266 22.11 -22.45 -7.05
C HIS D 266 23.07 -23.53 -6.61
N PHE D 267 22.78 -24.20 -5.50
CA PHE D 267 23.54 -25.40 -5.15
C PHE D 267 22.97 -26.63 -5.86
N GLU D 268 21.73 -26.99 -5.54
CA GLU D 268 21.15 -28.24 -5.98
C GLU D 268 19.90 -28.07 -6.85
C10 FBX E . -1.09 -5.32 -11.82
C13 FBX E . -2.55 -6.96 -12.81
C15 FBX E . -6.72 -7.46 -13.67
C17 FBX E . -7.37 -7.08 -14.74
C20 FBX E . 1.30 -4.82 -12.19
C21 FBX E . 3.39 -4.01 -12.62
C22 FBX E . 3.52 -3.71 -11.16
C7 FBX E . -4.78 -8.80 -12.57
C8 FBX E . -3.31 -6.96 -11.77
C9 FBX E . -5.52 -8.35 -13.80
C11 FBX E . -2.99 -6.08 -10.60
C12 FBX E . -1.96 -5.32 -10.63
C14 FBX E . -1.35 -6.05 -12.84
C16 FBX E . -5.13 -8.76 -14.95
C18 FBX E . -5.88 -8.33 -16.21
C19 FBX E . -6.91 -7.55 -16.10
F1 FBX E . -7.58 -7.17 -17.22
N4 FBX E . -4.48 -7.75 -11.65
N5 FBX E . 0.01 -4.43 -11.76
N6 FBX E . -1.61 -4.44 -9.56
O2 FBX E . 2.05 -3.93 -12.94
O3 FBX E . 1.73 -5.87 -11.90
H1 FBX E . -2.77 -7.50 -13.52
H2 FBX E . -6.98 -7.18 -12.83
H3 FBX E . -8.10 -6.52 -14.65
H4 FBX E . 3.73 -4.89 -12.78
H5 FBX E . 3.89 -3.35 -13.11
H6 FBX E . 2.84 -3.06 -10.93
H7 FBX E . 3.37 -4.53 -10.67
H8 FBX E . 4.40 -3.38 -10.98
H9 FBX E . -5.36 -9.43 -12.12
H10 FBX E . -3.96 -9.20 -12.85
H11 FBX E . -3.54 -6.10 -9.89
H12 FBX E . -0.79 -6.03 -13.57
H13 FBX E . -4.40 -9.31 -15.03
H14 FBX E . -5.58 -8.62 -17.03
H15 FBX E . -5.01 -7.60 -11.01
H16 FBX E . -0.10 -3.66 -11.43
H17 FBX E . -1.85 -4.60 -8.76
H18 FBX E . -1.15 -3.73 -9.74
C10 FBX F . 7.07 9.68 -5.03
C13 FBX F . 7.52 10.45 -7.27
C15 FBX F . 5.39 12.05 -10.62
C17 FBX F . 5.11 13.30 -10.85
C20 FBX F . 8.48 9.62 -2.99
C21 FBX F . 9.49 9.78 -0.96
C22 FBX F . 8.84 8.48 -0.60
C7 FBX F . 7.15 10.20 -10.13
C8 FBX F . 6.64 9.65 -7.75
C9 FBX F . 6.82 11.64 -10.40
C11 FBX F . 5.85 8.75 -6.86
C12 FBX F . 6.05 8.78 -5.59
C14 FBX F . 7.76 10.47 -5.77
C16 FBX F . 7.77 12.51 -10.45
C18 FBX F . 7.46 13.96 -10.75
C19 FBX F . 6.22 14.33 -10.94
F1 FBX F . 5.94 15.64 -11.18
N4 FBX F . 6.34 9.58 -9.13
N5 FBX F . 7.20 9.62 -3.62
N6 FBX F . 5.33 7.95 -4.68
O2 FBX F . 8.67 10.41 -1.88
O3 FBX F . 9.33 8.94 -3.42
H1 FBX F . 8.00 11.00 -7.84
H2 FBX F . 4.73 11.41 -10.56
H3 FBX F . 4.24 13.55 -11.00
H4 FBX F . 10.35 9.60 -1.34
H5 FBX F . 9.57 10.31 -0.16
H6 FBX F . 7.89 8.60 -0.60
H7 FBX F . 9.11 7.83 -1.25
H8 FBX F . 9.15 8.22 0.28
H9 FBX F . 7.02 9.72 -10.96
H10 FBX F . 8.06 10.14 -9.84
H11 FBX F . 5.24 8.20 -7.24
H12 FBX F . 8.37 11.02 -5.40
H13 FBX F . 8.65 12.24 -10.32
H14 FBX F . 8.14 14.58 -10.78
H15 FBX F . 5.65 9.15 -9.38
H16 FBX F . 6.51 9.57 -3.15
H17 FBX F . 4.97 7.22 -4.93
H18 FBX F . 5.24 8.21 -3.87
C10 FBX G . 0.23 5.88 11.59
C13 FBX G . 0.85 8.09 12.35
C15 FBX G . -0.37 12.15 11.80
C17 FBX G . -1.28 12.80 12.47
C20 FBX G . 0.45 3.65 12.64
C21 FBX G . 0.27 1.58 13.57
C22 FBX G . 0.56 1.01 12.21
C7 FBX G . 1.82 10.75 11.78
C8 FBX G . 0.96 8.50 11.14
C9 FBX G . 0.76 11.50 12.54
C11 FBX G . 0.70 7.59 9.99
C12 FBX G . 0.36 6.38 10.20
C14 FBX G . 0.45 6.65 12.60
C16 FBX G . 0.84 11.59 13.82
C18 FBX G . -0.19 12.35 14.61
C19 FBX G . -1.19 12.92 13.97
F1 FBX G . -2.14 13.60 14.68
N4 FBX G . 1.32 9.83 10.82
N5 FBX G . -0.16 4.53 11.71
N6 FBX G . 0.07 5.45 9.15
O2 FBX G . -0.34 2.80 13.38
O3 FBX G . 1.62 3.66 12.75
H1 FBX G . 1.02 8.66 13.05
H2 FBX G . -0.41 12.06 10.88
H3 FBX G . -1.98 13.20 12.01
H4 FBX G . 1.10 1.68 14.04
H5 FBX G . -0.31 0.97 14.04
H6 FBX G . -0.15 1.27 11.62
H7 FBX G . 1.40 1.37 11.91
H8 FBX G . 0.61 0.05 12.28
H9 FBX G . 2.35 11.41 11.31
H10 FBX G . 2.36 10.26 12.41
H11 FBX G . 0.79 7.92 9.15
H12 FBX G . 0.35 6.32 13.44
H13 FBX G . 1.55 11.19 14.27
H14 FBX G . -0.14 12.41 15.52
H15 FBX G . 1.23 10.09 10.01
H16 FBX G . -0.76 4.23 11.19
H17 FBX G . 0.40 5.55 8.37
H18 FBX G . -0.45 4.80 9.31
C10 FBX H . -7.94 -9.10 4.80
C13 FBX H . -9.25 -9.31 6.82
C15 FBX H . -12.50 -7.33 8.77
C17 FBX H . -13.77 -7.55 8.60
C20 FBX H . -6.73 -10.78 3.45
C21 FBX H . -5.84 -12.20 1.91
C22 FBX H . -4.78 -11.17 1.66
C7 FBX H . -10.13 -8.22 9.36
C8 FBX H . -9.00 -8.09 7.14
C9 FBX H . -11.60 -8.46 9.15
C11 FBX H . -8.16 -7.22 6.26
C12 FBX H . -7.67 -7.69 5.18
C14 FBX H . -8.67 -9.87 5.54
C16 FBX H . -12.08 -9.65 9.33
C18 FBX H . -13.55 -9.92 9.16
C19 FBX H . -14.35 -8.94 8.82
F1 FBX H . -15.68 -9.18 8.65
N4 FBX H . -9.51 -7.48 8.31
N5 FBX H . -7.36 -9.52 3.58
N6 FBX H . -6.87 -6.93 4.28
O2 FBX H . -6.97 -11.53 2.31
O3 FBX H . -6.00 -11.15 4.28
H1 FBX H . -9.77 -9.83 7.38
H2 FBX H . -12.14 -6.49 8.64
H3 FBX H . -14.33 -6.85 8.37
H4 FBX H . -5.53 -12.80 2.59
H5 FBX H . -6.00 -12.68 1.09
H6 FBX H . -5.20 -10.39 1.30
H7 FBX H . -4.34 -10.98 2.48
H8 FBX H . -4.14 -11.53 1.03
H9 FBX H . -10.05 -7.72 10.18
H10 FBX H . -9.69 -9.07 9.42
H11 FBX H . -8.00 -6.37 6.52
H12 FBX H . -8.82 -10.72 5.28
H13 FBX H . -11.51 -10.34 9.58
H14 FBX H . -13.89 -10.77 9.29
H15 FBX H . -9.44 -6.64 8.39
H16 FBX H . -7.38 -8.99 2.92
H17 FBX H . -6.43 -6.25 4.55
H18 FBX H . -6.85 -7.14 3.45
#